data_3FC9
#
_entry.id   3FC9
#
_cell.length_a   82.586
_cell.length_b   153.043
_cell.length_c   184.786
_cell.angle_alpha   90.00
_cell.angle_beta   90.00
_cell.angle_gamma   90.00
#
_symmetry.space_group_name_H-M   'C 2 2 21'
#
loop_
_entity.id
_entity.type
_entity.pdbx_description
1 polymer 'Nucleoside diphosphate kinase'
2 non-polymer "CYTIDINE-5'-TRIPHOSPHATE"
3 non-polymer 'MAGNESIUM ION'
4 non-polymer "CYTIDINE-5'-DIPHOSPHATE"
5 water water
#
_entity_poly.entity_id   1
_entity_poly.type   'polypeptide(L)'
_entity_poly.pdbx_seq_one_letter_code
;YKKAGLQRTLVLIKPDAFERSLVAEIMGRIEKKNFKIVSMKFWSKAPRNLIEQHYKEHSEQSYFNDLCDFMVSGPIISIV
YEGTDAISKIRRLQGNTNPLASAPGTIRGDLANDIRENLIHASDSEDSAVDEISIWFPETKMETDN
;
_entity_poly.pdbx_strand_id   A,B,C,D,E,F
#
loop_
_chem_comp.id
_chem_comp.type
_chem_comp.name
_chem_comp.formula
CDP non-polymer CYTIDINE-5'-DIPHOSPHATE 'C9 H15 N3 O11 P2'
CTP non-polymer CYTIDINE-5'-TRIPHOSPHATE 'C9 H16 N3 O14 P3'
MG non-polymer 'MAGNESIUM ION' 'Mg 2'
#
# COMPACT_ATOMS: atom_id res chain seq x y z
N LEU A 6 -26.54 -6.99 8.27
CA LEU A 6 -25.19 -6.86 7.74
C LEU A 6 -25.00 -7.71 6.47
N GLN A 7 -25.46 -7.18 5.33
CA GLN A 7 -25.45 -7.95 4.09
C GLN A 7 -24.38 -7.51 3.08
N ARG A 8 -24.33 -8.24 1.98
CA ARG A 8 -23.45 -7.91 0.86
C ARG A 8 -24.30 -7.78 -0.40
N THR A 9 -24.00 -6.79 -1.23
CA THR A 9 -24.75 -6.58 -2.46
C THR A 9 -23.79 -6.51 -3.65
N LEU A 10 -24.30 -6.77 -4.85
CA LEU A 10 -23.47 -6.69 -6.06
C LEU A 10 -23.69 -5.41 -6.84
N VAL A 11 -22.64 -4.60 -6.98
CA VAL A 11 -22.74 -3.41 -7.81
C VAL A 11 -22.01 -3.62 -9.14
N LEU A 12 -22.56 -3.07 -10.21
CA LEU A 12 -21.86 -2.96 -11.47
C LEU A 12 -21.64 -1.48 -11.82
N ILE A 13 -20.41 -1.13 -12.18
CA ILE A 13 -20.12 0.19 -12.73
C ILE A 13 -20.12 0.06 -14.23
N LYS A 14 -20.97 0.82 -14.90
CA LYS A 14 -21.25 0.59 -16.31
C LYS A 14 -20.39 1.40 -17.28
N PRO A 15 -20.25 0.91 -18.52
CA PRO A 15 -19.31 1.49 -19.48
C PRO A 15 -19.49 2.98 -19.70
N ASP A 16 -20.71 3.48 -19.56
CA ASP A 16 -20.95 4.92 -19.66
C ASP A 16 -20.22 5.69 -18.55
N ALA A 17 -20.03 5.02 -17.41
CA ALA A 17 -19.29 5.60 -16.30
C ALA A 17 -17.84 5.84 -16.73
N PHE A 18 -17.30 4.92 -17.52
CA PHE A 18 -15.93 5.04 -17.98
C PHE A 18 -15.79 6.08 -19.08
N GLU A 19 -16.77 6.16 -19.95
CA GLU A 19 -16.77 7.13 -21.04
C GLU A 19 -16.84 8.55 -20.50
N ARG A 20 -17.73 8.77 -19.54
CA ARG A 20 -17.90 10.10 -18.96
C ARG A 20 -17.01 10.36 -17.73
N SER A 21 -16.09 9.46 -17.45
CA SER A 21 -15.15 9.62 -16.33
C SER A 21 -15.83 9.84 -14.98
N LEU A 22 -16.89 9.09 -14.70
CA LEU A 22 -17.60 9.24 -13.45
C LEU A 22 -17.35 8.07 -12.51
N VAL A 23 -16.37 7.22 -12.83
CA VAL A 23 -16.17 6.01 -12.06
C VAL A 23 -15.85 6.33 -10.60
N ALA A 24 -14.96 7.30 -10.38
CA ALA A 24 -14.55 7.65 -9.01
C ALA A 24 -15.66 8.41 -8.30
N GLU A 25 -16.36 9.26 -9.03
CA GLU A 25 -17.53 9.96 -8.50
C GLU A 25 -18.58 8.97 -7.96
N ILE A 26 -18.83 7.90 -8.71
CA ILE A 26 -19.81 6.91 -8.31
C ILE A 26 -19.38 6.12 -7.09
N MET A 27 -18.24 5.44 -7.19
CA MET A 27 -17.65 4.71 -6.06
C MET A 27 -17.46 5.59 -4.83
N GLY A 28 -17.24 6.87 -5.04
CA GLY A 28 -17.06 7.82 -3.97
C GLY A 28 -18.32 8.07 -3.15
N ARG A 29 -19.48 7.99 -3.78
CA ARG A 29 -20.74 8.16 -3.06
C ARG A 29 -21.02 6.97 -2.14
N ILE A 30 -20.68 5.77 -2.60
CA ILE A 30 -20.84 4.58 -1.78
C ILE A 30 -19.80 4.58 -0.65
N GLU A 31 -18.60 5.06 -0.97
CA GLU A 31 -17.48 5.09 -0.02
C GLU A 31 -17.81 6.06 1.12
N LYS A 32 -18.25 7.26 0.77
CA LYS A 32 -18.58 8.30 1.75
C LYS A 32 -19.77 7.94 2.65
N LYS A 33 -20.58 6.97 2.24
CA LYS A 33 -21.67 6.50 3.08
C LYS A 33 -21.22 5.32 3.93
N ASN A 34 -19.93 5.00 3.83
CA ASN A 34 -19.28 4.05 4.74
C ASN A 34 -19.38 2.54 4.43
N PHE A 35 -19.85 2.19 3.23
CA PHE A 35 -19.86 0.80 2.80
C PHE A 35 -18.48 0.36 2.33
N LYS A 36 -18.06 -0.84 2.74
CA LYS A 36 -16.70 -1.31 2.47
C LYS A 36 -16.63 -2.26 1.28
N ILE A 37 -15.55 -2.15 0.51
CA ILE A 37 -15.30 -3.06 -0.61
C ILE A 37 -14.83 -4.41 -0.10
N VAL A 38 -15.60 -5.44 -0.39
CA VAL A 38 -15.27 -6.81 0.00
C VAL A 38 -14.51 -7.53 -1.13
N SER A 39 -14.91 -7.24 -2.36
CA SER A 39 -14.27 -7.81 -3.55
C SER A 39 -14.51 -6.88 -4.73
N MET A 40 -13.60 -6.90 -5.70
CA MET A 40 -13.71 -6.01 -6.84
C MET A 40 -12.89 -6.49 -8.03
N LYS A 41 -13.53 -6.54 -9.20
CA LYS A 41 -12.85 -6.99 -10.39
C LYS A 41 -13.07 -6.00 -11.56
N PHE A 42 -11.99 -5.76 -12.31
CA PHE A 42 -12.05 -4.87 -13.48
C PHE A 42 -12.10 -5.68 -14.77
N TRP A 43 -13.08 -5.37 -15.64
CA TRP A 43 -13.22 -6.02 -16.95
C TRP A 43 -13.10 -5.01 -18.09
N SER A 44 -12.05 -5.14 -18.89
CA SER A 44 -11.92 -4.26 -20.06
C SER A 44 -13.08 -4.51 -21.01
N LYS A 45 -13.53 -5.77 -21.05
CA LYS A 45 -14.74 -6.14 -21.79
C LYS A 45 -15.31 -7.39 -21.17
N ALA A 46 -16.45 -7.24 -20.49
CA ALA A 46 -17.10 -8.36 -19.85
C ALA A 46 -17.43 -9.43 -20.87
N PRO A 47 -17.19 -10.70 -20.50
CA PRO A 47 -17.68 -11.84 -21.28
C PRO A 47 -19.19 -11.76 -21.37
N ARG A 48 -19.71 -11.82 -22.60
CA ARG A 48 -21.14 -11.65 -22.84
C ARG A 48 -21.97 -12.66 -22.07
N ASN A 49 -21.36 -13.81 -21.77
CA ASN A 49 -22.04 -14.86 -21.03
C ASN A 49 -22.39 -14.44 -19.60
N LEU A 50 -21.45 -13.82 -18.90
CA LEU A 50 -21.73 -13.31 -17.56
C LEU A 50 -22.78 -12.24 -17.65
N ILE A 51 -22.76 -11.45 -18.72
CA ILE A 51 -23.74 -10.37 -18.85
C ILE A 51 -25.14 -10.92 -19.10
N GLU A 52 -25.24 -11.94 -19.94
CA GLU A 52 -26.51 -12.60 -20.21
C GLU A 52 -27.04 -13.30 -18.96
N GLN A 53 -26.15 -13.97 -18.23
CA GLN A 53 -26.47 -14.52 -16.92
C GLN A 53 -27.02 -13.43 -16.00
N HIS A 54 -26.26 -12.36 -15.83
CA HIS A 54 -26.56 -11.32 -14.86
C HIS A 54 -27.95 -10.71 -15.09
N TYR A 55 -28.37 -10.68 -16.35
CA TYR A 55 -29.63 -10.05 -16.69
C TYR A 55 -30.68 -11.04 -17.20
N LYS A 56 -30.56 -12.31 -16.80
CA LYS A 56 -31.42 -13.37 -17.32
C LYS A 56 -32.92 -13.09 -17.14
N GLU A 57 -33.29 -12.59 -15.97
CA GLU A 57 -34.66 -12.20 -15.70
C GLU A 57 -35.23 -11.27 -16.77
N HIS A 58 -34.34 -10.67 -17.56
CA HIS A 58 -34.75 -9.66 -18.53
C HIS A 58 -34.69 -10.20 -19.96
N SER A 59 -34.31 -11.47 -20.13
CA SER A 59 -34.07 -12.04 -21.46
C SER A 59 -35.24 -11.94 -22.44
N GLU A 60 -36.45 -11.81 -21.90
CA GLU A 60 -37.67 -11.74 -22.71
C GLU A 60 -37.97 -10.32 -23.18
N GLN A 61 -37.44 -9.34 -22.45
CA GLN A 61 -37.71 -7.94 -22.73
C GLN A 61 -37.22 -7.51 -24.10
N SER A 62 -37.77 -6.42 -24.61
CA SER A 62 -37.39 -5.89 -25.92
C SER A 62 -35.98 -5.29 -25.88
N TYR A 63 -35.69 -4.58 -24.80
CA TYR A 63 -34.41 -3.90 -24.64
C TYR A 63 -33.22 -4.83 -24.37
N PHE A 64 -33.49 -6.11 -24.15
CA PHE A 64 -32.48 -7.04 -23.65
C PHE A 64 -31.27 -7.16 -24.55
N ASN A 65 -31.44 -6.91 -25.83
CA ASN A 65 -30.32 -7.11 -26.72
C ASN A 65 -29.44 -5.89 -26.78
N ASP A 66 -30.07 -4.72 -26.91
CA ASP A 66 -29.35 -3.47 -26.92
C ASP A 66 -28.71 -3.25 -25.55
N LEU A 67 -29.37 -3.74 -24.52
CA LEU A 67 -28.82 -3.72 -23.17
C LEU A 67 -27.49 -4.46 -23.13
N CYS A 68 -27.48 -5.69 -23.62
CA CYS A 68 -26.28 -6.51 -23.63
C CYS A 68 -25.16 -5.92 -24.48
N ASP A 69 -25.50 -5.41 -25.66
CA ASP A 69 -24.52 -4.72 -26.49
C ASP A 69 -23.85 -3.65 -25.64
N PHE A 70 -24.67 -2.74 -25.12
CA PHE A 70 -24.19 -1.66 -24.28
C PHE A 70 -23.22 -2.14 -23.19
N MET A 71 -23.63 -3.15 -22.43
CA MET A 71 -22.84 -3.59 -21.27
C MET A 71 -21.45 -4.10 -21.66
N VAL A 72 -21.29 -4.44 -22.94
CA VAL A 72 -19.98 -4.94 -23.40
C VAL A 72 -19.25 -3.93 -24.29
N SER A 73 -19.89 -2.79 -24.52
CA SER A 73 -19.36 -1.73 -25.37
C SER A 73 -18.19 -0.99 -24.75
N GLY A 74 -17.88 -1.30 -23.49
CA GLY A 74 -16.81 -0.63 -22.78
C GLY A 74 -16.49 -1.42 -21.53
N PRO A 75 -15.53 -0.95 -20.73
CA PRO A 75 -15.17 -1.66 -19.50
C PRO A 75 -16.28 -1.57 -18.46
N ILE A 76 -16.23 -2.47 -17.47
CA ILE A 76 -17.10 -2.40 -16.30
C ILE A 76 -16.33 -2.92 -15.10
N ILE A 77 -16.68 -2.45 -13.91
CA ILE A 77 -16.11 -2.94 -12.68
C ILE A 77 -17.22 -3.59 -11.89
N SER A 78 -16.98 -4.79 -11.38
CA SER A 78 -17.97 -5.46 -10.54
C SER A 78 -17.50 -5.48 -9.10
N ILE A 79 -18.28 -4.87 -8.21
CA ILE A 79 -17.89 -4.71 -6.82
C ILE A 79 -18.89 -5.38 -5.88
N VAL A 80 -18.38 -6.01 -4.82
CA VAL A 80 -19.23 -6.41 -3.71
C VAL A 80 -18.99 -5.50 -2.50
N TYR A 81 -20.02 -4.78 -2.09
CA TYR A 81 -19.95 -3.94 -0.90
C TYR A 81 -20.60 -4.62 0.31
N GLU A 82 -20.22 -4.17 1.50
CA GLU A 82 -20.70 -4.75 2.74
C GLU A 82 -21.07 -3.65 3.74
N GLY A 83 -22.29 -3.72 4.25
CA GLY A 83 -22.76 -2.81 5.28
C GLY A 83 -24.04 -3.31 5.91
N THR A 84 -24.57 -2.57 6.88
CA THR A 84 -25.89 -2.87 7.41
C THR A 84 -26.91 -2.54 6.35
N ASP A 85 -27.83 -3.47 6.07
CA ASP A 85 -28.87 -3.26 5.08
C ASP A 85 -28.32 -2.71 3.77
N ALA A 86 -27.12 -3.18 3.41
CA ALA A 86 -26.41 -2.69 2.24
C ALA A 86 -27.26 -2.74 0.96
N ILE A 87 -28.00 -3.83 0.77
CA ILE A 87 -28.86 -3.98 -0.39
C ILE A 87 -29.86 -2.84 -0.61
N SER A 88 -30.69 -2.55 0.38
CA SER A 88 -31.74 -1.56 0.20
C SER A 88 -31.16 -0.15 0.17
N LYS A 89 -30.10 0.07 0.93
CA LYS A 89 -29.49 1.40 1.04
C LYS A 89 -28.76 1.81 -0.23
N ILE A 90 -27.97 0.90 -0.79
CA ILE A 90 -27.28 1.21 -2.03
C ILE A 90 -28.27 1.38 -3.19
N ARG A 91 -29.44 0.77 -3.09
CA ARG A 91 -30.46 0.98 -4.11
C ARG A 91 -31.05 2.39 -4.02
N ARG A 92 -31.19 2.92 -2.81
CA ARG A 92 -31.72 4.27 -2.68
C ARG A 92 -30.69 5.31 -3.10
N LEU A 93 -29.41 4.99 -2.92
CA LEU A 93 -28.35 5.80 -3.51
C LEU A 93 -28.46 5.76 -5.02
N GLN A 94 -28.67 4.56 -5.55
CA GLN A 94 -28.74 4.34 -6.99
C GLN A 94 -29.73 5.31 -7.63
N GLY A 95 -30.99 5.25 -7.20
CA GLY A 95 -32.03 6.07 -7.79
C GLY A 95 -32.87 5.24 -8.73
N ASN A 96 -33.89 5.85 -9.34
CA ASN A 96 -34.82 5.14 -10.21
C ASN A 96 -34.31 5.03 -11.65
N THR A 97 -34.55 3.86 -12.27
CA THR A 97 -34.12 3.60 -13.65
C THR A 97 -34.56 4.72 -14.58
N ASN A 98 -35.82 5.14 -14.41
CA ASN A 98 -36.49 6.16 -15.22
C ASN A 98 -35.94 7.55 -14.95
N PRO A 99 -35.44 8.23 -15.99
CA PRO A 99 -34.87 9.58 -15.84
C PRO A 99 -35.93 10.63 -15.49
N LEU A 100 -37.19 10.22 -15.43
CA LEU A 100 -38.29 11.13 -15.06
C LEU A 100 -38.74 10.94 -13.61
N ALA A 101 -38.07 10.07 -12.88
CA ALA A 101 -38.48 9.77 -11.51
C ALA A 101 -37.31 9.67 -10.52
N SER A 102 -36.08 9.69 -11.02
CA SER A 102 -34.91 9.57 -10.14
C SER A 102 -34.60 10.90 -9.45
N ALA A 103 -34.66 10.90 -8.13
CA ALA A 103 -34.54 12.15 -7.37
C ALA A 103 -33.14 12.72 -7.40
N PRO A 104 -33.04 14.06 -7.40
CA PRO A 104 -31.74 14.70 -7.16
C PRO A 104 -31.19 14.24 -5.82
N GLY A 105 -29.86 14.09 -5.74
CA GLY A 105 -29.25 13.55 -4.54
C GLY A 105 -28.79 12.13 -4.80
N THR A 106 -29.58 11.38 -5.55
CA THR A 106 -29.24 10.01 -5.91
C THR A 106 -28.23 10.02 -7.05
N ILE A 107 -27.59 8.88 -7.26
CA ILE A 107 -26.57 8.75 -8.29
C ILE A 107 -27.15 9.07 -9.67
N ARG A 108 -28.22 8.36 -10.03
CA ARG A 108 -28.87 8.51 -11.34
C ARG A 108 -29.58 9.83 -11.50
N GLY A 109 -30.09 10.38 -10.40
CA GLY A 109 -30.80 11.64 -10.43
C GLY A 109 -29.88 12.80 -10.72
N ASP A 110 -28.68 12.74 -10.16
CA ASP A 110 -27.66 13.78 -10.33
C ASP A 110 -26.86 13.68 -11.64
N LEU A 111 -26.70 12.46 -12.16
CA LEU A 111 -25.66 12.16 -13.14
C LEU A 111 -26.14 11.51 -14.43
N ALA A 112 -27.27 10.82 -14.36
CA ALA A 112 -27.77 10.04 -15.49
C ALA A 112 -28.93 10.75 -16.19
N ASN A 113 -29.12 10.45 -17.47
CA ASN A 113 -30.17 11.10 -18.25
C ASN A 113 -30.79 10.16 -19.29
N ASP A 114 -30.65 8.85 -19.08
CA ASP A 114 -31.06 7.88 -20.08
C ASP A 114 -31.62 6.64 -19.39
N ILE A 115 -32.61 6.03 -20.02
CA ILE A 115 -33.26 4.85 -19.48
C ILE A 115 -32.30 3.64 -19.48
N ARG A 116 -31.44 3.57 -20.50
CA ARG A 116 -30.50 2.46 -20.68
C ARG A 116 -29.13 2.73 -20.05
N GLU A 117 -28.50 3.82 -20.46
CA GLU A 117 -27.17 4.14 -19.92
C GLU A 117 -27.29 4.94 -18.63
N ASN A 118 -27.47 4.21 -17.53
CA ASN A 118 -27.67 4.82 -16.22
C ASN A 118 -26.55 4.53 -15.21
N LEU A 119 -25.33 4.40 -15.71
CA LEU A 119 -24.11 4.42 -14.89
C LEU A 119 -23.84 3.22 -13.97
N ILE A 120 -24.85 2.76 -13.24
CA ILE A 120 -24.66 1.80 -12.14
C ILE A 120 -25.76 0.71 -12.10
N HIS A 121 -25.38 -0.50 -11.71
CA HIS A 121 -26.35 -1.53 -11.36
C HIS A 121 -26.22 -1.90 -9.90
N ALA A 122 -27.36 -2.10 -9.22
CA ALA A 122 -27.31 -2.53 -7.82
C ALA A 122 -28.38 -3.57 -7.48
N SER A 123 -27.95 -4.69 -6.90
CA SER A 123 -28.87 -5.73 -6.45
C SER A 123 -30.03 -5.12 -5.66
N ASP A 124 -31.22 -5.70 -5.87
CA ASP A 124 -32.45 -5.17 -5.28
C ASP A 124 -33.12 -6.11 -4.30
N SER A 125 -32.40 -7.14 -3.85
CA SER A 125 -32.98 -8.13 -2.96
C SER A 125 -31.91 -9.05 -2.42
N GLU A 126 -32.27 -9.80 -1.38
CA GLU A 126 -31.32 -10.68 -0.73
C GLU A 126 -30.98 -11.84 -1.65
N ASP A 127 -31.92 -12.15 -2.55
CA ASP A 127 -31.75 -13.26 -3.48
C ASP A 127 -31.01 -12.81 -4.73
N SER A 128 -31.43 -11.66 -5.25
CA SER A 128 -30.71 -10.98 -6.32
C SER A 128 -29.20 -10.94 -5.99
N ALA A 129 -28.85 -10.51 -4.78
CA ALA A 129 -27.46 -10.37 -4.39
C ALA A 129 -26.65 -11.69 -4.40
N VAL A 130 -27.09 -12.68 -3.62
CA VAL A 130 -26.39 -13.96 -3.57
C VAL A 130 -26.09 -14.50 -4.96
N ASP A 131 -27.08 -14.38 -5.84
CA ASP A 131 -27.03 -14.95 -7.17
C ASP A 131 -26.08 -14.17 -8.08
N GLU A 132 -26.20 -12.84 -8.05
CA GLU A 132 -25.37 -11.97 -8.86
C GLU A 132 -23.92 -12.05 -8.41
N ILE A 133 -23.73 -12.08 -7.10
CA ILE A 133 -22.39 -12.18 -6.53
C ILE A 133 -21.70 -13.47 -6.98
N SER A 134 -22.48 -14.55 -7.10
CA SER A 134 -21.94 -15.84 -7.48
C SER A 134 -21.52 -15.82 -8.95
N ILE A 135 -22.35 -15.19 -9.77
CA ILE A 135 -22.07 -14.97 -11.19
C ILE A 135 -20.73 -14.27 -11.42
N TRP A 136 -20.50 -13.20 -10.67
CA TRP A 136 -19.32 -12.37 -10.88
C TRP A 136 -18.15 -12.81 -10.03
N PHE A 137 -18.44 -13.51 -8.94
CA PHE A 137 -17.40 -14.00 -8.04
C PHE A 137 -17.64 -15.45 -7.62
N PRO A 138 -17.57 -16.37 -8.60
CA PRO A 138 -17.75 -17.81 -8.37
C PRO A 138 -17.01 -18.31 -7.14
N GLU A 139 -15.75 -17.90 -6.98
CA GLU A 139 -14.96 -18.29 -5.80
C GLU A 139 -15.72 -18.13 -4.48
N LEU B 6 -37.49 33.95 11.09
CA LEU B 6 -36.14 34.11 11.64
C LEU B 6 -35.96 33.41 12.99
N GLN B 7 -35.15 32.37 13.03
CA GLN B 7 -35.00 31.59 14.24
C GLN B 7 -33.55 31.27 14.51
N ARG B 8 -33.31 30.66 15.67
CA ARG B 8 -32.03 30.05 15.97
C ARG B 8 -32.27 28.58 16.29
N THR B 9 -31.31 27.73 15.91
CA THR B 9 -31.40 26.30 16.21
C THR B 9 -30.05 25.82 16.70
N LEU B 10 -30.05 24.77 17.51
CA LEU B 10 -28.80 24.25 18.04
C LEU B 10 -28.34 22.97 17.35
N VAL B 11 -27.10 22.99 16.88
CA VAL B 11 -26.56 21.87 16.14
C VAL B 11 -25.39 21.23 16.91
N LEU B 12 -25.38 19.90 16.97
CA LEU B 12 -24.25 19.16 17.53
C LEU B 12 -23.54 18.37 16.43
N ILE B 13 -22.22 18.52 16.36
CA ILE B 13 -21.41 17.69 15.47
C ILE B 13 -20.88 16.56 16.32
N LYS B 14 -21.33 15.34 16.04
CA LYS B 14 -21.05 14.20 16.90
C LYS B 14 -19.63 13.64 16.75
N PRO B 15 -19.19 12.80 17.70
CA PRO B 15 -17.84 12.23 17.68
C PRO B 15 -17.48 11.47 16.40
N ASP B 16 -18.44 10.82 15.77
CA ASP B 16 -18.13 10.05 14.58
C ASP B 16 -17.69 10.97 13.43
N ALA B 17 -18.19 12.20 13.42
CA ALA B 17 -17.77 13.17 12.43
C ALA B 17 -16.27 13.37 12.53
N PHE B 18 -15.76 13.46 13.76
CA PHE B 18 -14.33 13.68 13.99
C PHE B 18 -13.49 12.47 13.60
N GLU B 19 -13.98 11.29 13.97
CA GLU B 19 -13.36 10.03 13.59
C GLU B 19 -13.23 9.90 12.05
N ARG B 20 -14.24 10.35 11.32
CA ARG B 20 -14.26 10.16 9.87
C ARG B 20 -13.83 11.40 9.09
N SER B 21 -13.45 12.46 9.80
CA SER B 21 -12.99 13.69 9.15
C SER B 21 -14.06 14.26 8.27
N LEU B 22 -15.25 14.41 8.85
CA LEU B 22 -16.41 14.90 8.13
C LEU B 22 -16.96 16.17 8.74
N VAL B 23 -16.21 16.76 9.67
CA VAL B 23 -16.65 18.00 10.30
C VAL B 23 -16.90 19.13 9.30
N ALA B 24 -15.90 19.43 8.45
CA ALA B 24 -16.03 20.48 7.45
C ALA B 24 -17.12 20.15 6.41
N GLU B 25 -17.16 18.90 5.98
CA GLU B 25 -18.20 18.44 5.07
C GLU B 25 -19.59 18.81 5.57
N ILE B 26 -19.87 18.51 6.84
CA ILE B 26 -21.17 18.82 7.43
C ILE B 26 -21.38 20.31 7.61
N MET B 27 -20.44 21.00 8.26
CA MET B 27 -20.58 22.42 8.47
C MET B 27 -20.70 23.16 7.13
N GLY B 28 -20.08 22.61 6.09
CA GLY B 28 -20.12 23.24 4.78
C GLY B 28 -21.47 23.14 4.11
N ARG B 29 -22.15 22.02 4.31
CA ARG B 29 -23.50 21.82 3.76
C ARG B 29 -24.47 22.83 4.37
N ILE B 30 -24.29 23.12 5.65
CA ILE B 30 -25.11 24.09 6.32
C ILE B 30 -24.72 25.50 5.89
N GLU B 31 -23.43 25.75 5.79
CA GLU B 31 -22.90 27.05 5.36
C GLU B 31 -23.40 27.49 3.98
N LYS B 32 -23.44 26.56 3.03
CA LYS B 32 -23.90 26.83 1.66
C LYS B 32 -25.40 27.11 1.55
N LYS B 33 -26.17 26.67 2.53
CA LYS B 33 -27.59 26.95 2.56
C LYS B 33 -27.80 28.34 3.15
N ASN B 34 -26.68 28.96 3.56
CA ASN B 34 -26.64 30.37 3.95
C ASN B 34 -27.07 30.69 5.40
N PHE B 35 -26.74 29.79 6.32
CA PHE B 35 -27.01 29.99 7.74
C PHE B 35 -25.77 30.54 8.46
N LYS B 36 -25.99 31.37 9.47
CA LYS B 36 -24.89 32.05 10.15
C LYS B 36 -24.56 31.43 11.50
N ILE B 37 -23.27 31.30 11.80
CA ILE B 37 -22.83 30.88 13.13
C ILE B 37 -22.95 32.06 14.06
N VAL B 38 -23.76 31.90 15.09
CA VAL B 38 -23.92 32.93 16.11
C VAL B 38 -23.02 32.61 17.29
N SER B 39 -22.94 31.32 17.64
CA SER B 39 -22.06 30.85 18.72
C SER B 39 -21.50 29.49 18.36
N MET B 40 -20.34 29.17 18.91
CA MET B 40 -19.75 27.86 18.67
C MET B 40 -18.68 27.52 19.69
N LYS B 41 -18.72 26.28 20.18
CA LYS B 41 -17.80 25.83 21.21
C LYS B 41 -17.30 24.43 20.87
N PHE B 42 -16.01 24.20 21.03
CA PHE B 42 -15.43 22.89 20.76
C PHE B 42 -15.21 22.14 22.06
N TRP B 43 -15.78 20.95 22.15
CA TRP B 43 -15.69 20.14 23.36
C TRP B 43 -14.84 18.92 23.11
N SER B 44 -13.60 18.92 23.58
CA SER B 44 -12.75 17.75 23.38
C SER B 44 -13.40 16.52 24.00
N LYS B 45 -14.14 16.74 25.07
CA LYS B 45 -14.95 15.70 25.71
C LYS B 45 -16.08 16.40 26.47
N ALA B 46 -17.29 16.28 25.95
CA ALA B 46 -18.45 16.89 26.60
C ALA B 46 -18.72 16.20 27.92
N PRO B 47 -18.89 17.00 28.98
CA PRO B 47 -19.21 16.45 30.30
C PRO B 47 -20.52 15.67 30.21
N ARG B 48 -20.53 14.49 30.82
CA ARG B 48 -21.65 13.57 30.66
C ARG B 48 -22.98 14.16 31.08
N ASN B 49 -22.95 15.11 32.01
CA ASN B 49 -24.20 15.59 32.56
C ASN B 49 -24.89 16.59 31.63
N LEU B 50 -24.15 17.12 30.67
CA LEU B 50 -24.72 17.92 29.58
C LEU B 50 -25.38 17.00 28.57
N ILE B 51 -24.72 15.88 28.29
CA ILE B 51 -25.23 14.90 27.35
C ILE B 51 -26.57 14.31 27.82
N GLU B 52 -26.68 14.03 29.11
CA GLU B 52 -27.92 13.54 29.70
C GLU B 52 -28.99 14.62 29.81
N GLN B 53 -28.56 15.85 30.03
CA GLN B 53 -29.42 17.03 29.93
C GLN B 53 -29.97 17.12 28.51
N HIS B 54 -29.06 17.13 27.55
CA HIS B 54 -29.42 17.29 26.15
C HIS B 54 -30.44 16.26 25.70
N TYR B 55 -30.20 15.02 26.07
CA TYR B 55 -31.06 13.93 25.65
C TYR B 55 -32.01 13.47 26.76
N LYS B 56 -32.37 14.39 27.65
CA LYS B 56 -33.22 14.09 28.81
C LYS B 56 -34.59 13.47 28.47
N GLU B 57 -35.12 13.74 27.28
CA GLU B 57 -36.40 13.14 26.88
C GLU B 57 -36.25 11.71 26.37
N HIS B 58 -35.04 11.18 26.45
CA HIS B 58 -34.76 9.86 25.87
C HIS B 58 -34.31 8.89 26.96
N SER B 59 -34.41 9.34 28.21
CA SER B 59 -33.84 8.59 29.33
C SER B 59 -34.54 7.26 29.61
N GLU B 60 -35.79 7.12 29.18
CA GLU B 60 -36.53 5.87 29.36
C GLU B 60 -36.32 4.89 28.21
N GLN B 61 -35.53 5.30 27.22
CA GLN B 61 -35.35 4.49 26.03
C GLN B 61 -34.25 3.44 26.19
N SER B 62 -34.34 2.38 25.40
CA SER B 62 -33.42 1.25 25.52
C SER B 62 -32.04 1.54 24.95
N TYR B 63 -31.91 2.65 24.23
CA TYR B 63 -30.65 3.01 23.59
C TYR B 63 -29.91 4.11 24.34
N PHE B 64 -30.63 4.79 25.23
CA PHE B 64 -30.11 5.92 25.98
C PHE B 64 -28.67 5.76 26.48
N ASN B 65 -28.39 4.67 27.16
CA ASN B 65 -27.07 4.52 27.76
C ASN B 65 -25.96 4.39 26.74
N ASP B 66 -26.25 3.72 25.64
CA ASP B 66 -25.30 3.60 24.54
C ASP B 66 -25.09 4.92 23.81
N LEU B 67 -26.15 5.73 23.75
CA LEU B 67 -26.08 7.06 23.15
C LEU B 67 -25.15 7.99 23.94
N CYS B 68 -25.27 7.97 25.27
CA CYS B 68 -24.39 8.76 26.10
C CYS B 68 -22.95 8.28 26.03
N ASP B 69 -22.75 6.97 25.97
CA ASP B 69 -21.40 6.42 25.92
C ASP B 69 -20.73 6.93 24.66
N PHE B 70 -21.49 6.94 23.58
CA PHE B 70 -20.98 7.33 22.28
C PHE B 70 -20.77 8.83 22.18
N MET B 71 -21.65 9.61 22.80
CA MET B 71 -21.54 11.07 22.76
C MET B 71 -20.38 11.61 23.59
N VAL B 72 -19.62 10.73 24.25
CA VAL B 72 -18.43 11.17 24.98
C VAL B 72 -17.17 10.44 24.52
N SER B 73 -17.33 9.58 23.53
CA SER B 73 -16.22 8.80 22.99
C SER B 73 -15.24 9.63 22.18
N GLY B 74 -15.59 10.89 21.93
CA GLY B 74 -14.76 11.77 21.14
C GLY B 74 -15.22 13.20 21.27
N PRO B 75 -14.64 14.12 20.49
CA PRO B 75 -14.98 15.54 20.60
C PRO B 75 -16.35 15.82 20.03
N ILE B 76 -16.93 16.96 20.35
CA ILE B 76 -18.14 17.42 19.69
C ILE B 76 -18.04 18.92 19.55
N ILE B 77 -18.80 19.48 18.62
CA ILE B 77 -18.89 20.93 18.47
C ILE B 77 -20.34 21.36 18.64
N SER B 78 -20.59 22.26 19.59
CA SER B 78 -21.91 22.86 19.70
C SER B 78 -21.96 24.14 18.89
N ILE B 79 -23.02 24.32 18.10
CA ILE B 79 -23.16 25.52 17.27
C ILE B 79 -24.57 26.08 17.32
N VAL B 80 -24.71 27.39 17.50
CA VAL B 80 -26.00 28.04 17.31
C VAL B 80 -26.02 28.61 15.91
N TYR B 81 -27.00 28.22 15.12
CA TYR B 81 -27.15 28.75 13.78
C TYR B 81 -28.33 29.69 13.76
N GLU B 82 -28.30 30.68 12.87
CA GLU B 82 -29.39 31.65 12.77
C GLU B 82 -29.80 31.86 11.33
N GLY B 83 -31.10 31.96 11.08
CA GLY B 83 -31.61 32.11 9.73
C GLY B 83 -33.11 31.95 9.69
N THR B 84 -33.71 32.36 8.56
CA THR B 84 -35.14 32.23 8.34
C THR B 84 -35.57 30.76 8.41
N ASP B 85 -36.46 30.44 9.35
CA ASP B 85 -36.95 29.08 9.53
C ASP B 85 -35.80 28.13 9.74
N ALA B 86 -34.76 28.63 10.40
CA ALA B 86 -33.55 27.85 10.60
C ALA B 86 -33.87 26.47 11.16
N ILE B 87 -34.73 26.41 12.18
CA ILE B 87 -35.01 25.13 12.83
C ILE B 87 -35.43 24.04 11.84
N SER B 88 -36.52 24.27 11.13
CA SER B 88 -37.10 23.26 10.23
C SER B 88 -36.31 23.06 8.94
N LYS B 89 -35.68 24.12 8.45
CA LYS B 89 -34.84 23.98 7.26
C LYS B 89 -33.63 23.09 7.55
N ILE B 90 -32.95 23.34 8.67
CA ILE B 90 -31.79 22.53 9.04
C ILE B 90 -32.16 21.10 9.43
N ARG B 91 -33.39 20.87 9.86
CA ARG B 91 -33.85 19.51 10.11
C ARG B 91 -33.98 18.68 8.83
N ARG B 92 -34.48 19.29 7.76
CA ARG B 92 -34.64 18.59 6.50
C ARG B 92 -33.29 18.24 5.90
N LEU B 93 -32.37 19.19 5.92
CA LEU B 93 -30.97 18.96 5.56
C LEU B 93 -30.38 17.73 6.24
N GLN B 94 -30.75 17.54 7.50
CA GLN B 94 -30.22 16.49 8.34
C GLN B 94 -30.60 15.08 7.84
N GLY B 95 -31.89 14.85 7.64
CA GLY B 95 -32.41 13.56 7.20
C GLY B 95 -32.89 12.70 8.35
N ASN B 96 -33.84 11.79 8.11
CA ASN B 96 -34.41 10.96 9.17
C ASN B 96 -33.35 10.13 9.90
N THR B 97 -33.66 9.68 11.12
CA THR B 97 -32.72 8.91 11.94
C THR B 97 -32.44 7.50 11.41
N ASN B 98 -33.50 6.83 10.98
CA ASN B 98 -33.39 5.49 10.41
C ASN B 98 -32.64 5.52 9.09
N PRO B 99 -31.45 4.88 9.04
CA PRO B 99 -30.67 4.81 7.80
C PRO B 99 -31.49 4.25 6.63
N LEU B 100 -32.60 3.55 6.96
CA LEU B 100 -33.49 2.98 5.95
C LEU B 100 -34.52 4.02 5.49
N ALA B 101 -34.42 5.22 6.05
CA ALA B 101 -35.38 6.27 5.76
C ALA B 101 -34.72 7.53 5.23
N SER B 102 -33.50 7.81 5.72
CA SER B 102 -32.79 9.04 5.37
C SER B 102 -32.60 9.20 3.87
N ALA B 103 -33.03 10.36 3.35
CA ALA B 103 -33.04 10.62 1.90
C ALA B 103 -31.65 10.98 1.37
N PRO B 104 -31.30 10.46 0.18
CA PRO B 104 -30.09 10.94 -0.50
C PRO B 104 -30.21 12.43 -0.79
N GLY B 105 -29.13 13.18 -0.58
CA GLY B 105 -29.15 14.63 -0.64
C GLY B 105 -29.05 15.26 0.73
N THR B 106 -29.48 14.52 1.75
CA THR B 106 -29.39 14.98 3.13
C THR B 106 -28.09 14.50 3.76
N ILE B 107 -27.64 15.22 4.77
CA ILE B 107 -26.39 14.88 5.44
C ILE B 107 -26.36 13.42 5.89
N ARG B 108 -27.39 12.94 6.56
CA ARG B 108 -27.43 11.55 6.99
C ARG B 108 -27.64 10.59 5.81
N GLY B 109 -28.43 11.03 4.83
CA GLY B 109 -28.69 10.25 3.64
C GLY B 109 -27.44 9.91 2.85
N ASP B 110 -26.52 10.88 2.76
CA ASP B 110 -25.30 10.71 1.98
C ASP B 110 -24.17 10.10 2.79
N LEU B 111 -24.16 10.39 4.09
CA LEU B 111 -22.96 10.17 4.90
C LEU B 111 -23.09 9.17 6.04
N ALA B 112 -24.30 8.88 6.49
CA ALA B 112 -24.45 8.03 7.67
C ALA B 112 -24.96 6.63 7.34
N ASN B 113 -24.63 5.68 8.20
CA ASN B 113 -24.98 4.29 7.95
C ASN B 113 -25.33 3.53 9.23
N ASP B 114 -25.97 4.21 10.17
CA ASP B 114 -26.17 3.64 11.50
C ASP B 114 -27.19 4.45 12.32
N ILE B 115 -28.10 3.77 13.01
CA ILE B 115 -29.16 4.46 13.74
C ILE B 115 -28.63 5.33 14.89
N ARG B 116 -27.48 4.95 15.45
CA ARG B 116 -26.90 5.73 16.56
C ARG B 116 -25.87 6.73 16.07
N GLU B 117 -24.77 6.22 15.53
CA GLU B 117 -23.69 7.06 15.03
C GLU B 117 -24.11 7.73 13.71
N ASN B 118 -24.84 8.83 13.83
CA ASN B 118 -25.38 9.54 12.67
C ASN B 118 -24.92 11.00 12.54
N LEU B 119 -23.69 11.26 12.98
CA LEU B 119 -22.97 12.51 12.69
C LEU B 119 -23.48 13.80 13.34
N ILE B 120 -24.78 14.04 13.28
CA ILE B 120 -25.30 15.37 13.59
C ILE B 120 -26.55 15.39 14.46
N HIS B 121 -26.66 16.42 15.31
CA HIS B 121 -27.90 16.73 16.00
C HIS B 121 -28.45 18.08 15.52
N ALA B 122 -29.76 18.28 15.65
CA ALA B 122 -30.40 19.56 15.31
C ALA B 122 -31.76 19.67 15.97
N SER B 123 -31.97 20.74 16.72
CA SER B 123 -33.24 21.01 17.40
C SER B 123 -34.45 20.78 16.50
N ASP B 124 -35.51 20.17 17.05
CA ASP B 124 -36.70 19.85 16.26
C ASP B 124 -37.83 20.88 16.36
N SER B 125 -37.74 21.82 17.31
CA SER B 125 -38.81 22.80 17.50
C SER B 125 -38.31 24.04 18.20
N GLU B 126 -39.17 25.05 18.32
CA GLU B 126 -38.79 26.30 18.96
C GLU B 126 -38.46 26.11 20.44
N ASP B 127 -39.30 25.38 21.17
CA ASP B 127 -39.08 25.21 22.60
C ASP B 127 -37.87 24.31 22.83
N SER B 128 -37.70 23.36 21.93
CA SER B 128 -36.59 22.43 21.99
C SER B 128 -35.25 23.18 21.78
N ALA B 129 -35.23 24.14 20.87
CA ALA B 129 -34.01 24.88 20.55
C ALA B 129 -33.63 25.82 21.68
N VAL B 130 -34.61 26.52 22.24
CA VAL B 130 -34.36 27.44 23.35
C VAL B 130 -33.83 26.67 24.53
N ASP B 131 -34.38 25.48 24.74
CA ASP B 131 -33.94 24.61 25.80
C ASP B 131 -32.49 24.16 25.58
N GLU B 132 -32.20 23.67 24.37
CA GLU B 132 -30.88 23.10 24.08
C GLU B 132 -29.81 24.18 23.95
N ILE B 133 -30.19 25.34 23.44
CA ILE B 133 -29.24 26.45 23.34
C ILE B 133 -28.77 26.87 24.73
N SER B 134 -29.69 26.87 25.69
CA SER B 134 -29.36 27.34 27.03
C SER B 134 -28.54 26.32 27.80
N ILE B 135 -28.60 25.06 27.38
CA ILE B 135 -27.75 24.03 27.94
C ILE B 135 -26.29 24.26 27.52
N TRP B 136 -26.06 24.27 26.22
CA TRP B 136 -24.71 24.42 25.66
C TRP B 136 -24.17 25.84 25.74
N PHE B 137 -25.06 26.81 25.83
CA PHE B 137 -24.68 28.22 25.86
C PHE B 137 -25.44 28.97 26.97
N PRO B 138 -25.03 28.77 28.23
CA PRO B 138 -25.73 29.35 29.37
C PRO B 138 -25.29 30.79 29.69
N LEU C 6 45.96 1.34 -3.54
CA LEU C 6 46.70 0.63 -2.50
C LEU C 6 46.69 1.37 -1.15
N GLN C 7 45.59 1.22 -0.41
CA GLN C 7 45.37 2.02 0.80
C GLN C 7 45.67 1.26 2.08
N ARG C 8 45.68 1.99 3.19
CA ARG C 8 45.71 1.38 4.51
C ARG C 8 44.47 1.82 5.27
N THR C 9 43.92 0.89 6.05
CA THR C 9 42.70 1.16 6.81
C THR C 9 42.88 0.73 8.27
N LEU C 10 42.15 1.38 9.17
CA LEU C 10 42.22 1.03 10.58
C LEU C 10 41.03 0.18 11.02
N VAL C 11 41.31 -0.98 11.60
CA VAL C 11 40.25 -1.81 12.16
C VAL C 11 40.31 -1.78 13.69
N LEU C 12 39.13 -1.79 14.31
CA LEU C 12 39.05 -2.04 15.73
C LEU C 12 38.30 -3.34 15.98
N ILE C 13 38.90 -4.22 16.78
CA ILE C 13 38.20 -5.39 17.29
C ILE C 13 37.63 -5.00 18.65
N LYS C 14 36.31 -4.86 18.70
CA LYS C 14 35.62 -4.37 19.90
C LYS C 14 35.52 -5.40 21.05
N PRO C 15 35.21 -4.91 22.27
CA PRO C 15 35.18 -5.76 23.47
C PRO C 15 34.26 -6.98 23.37
N ASP C 16 33.20 -6.87 22.57
CA ASP C 16 32.26 -7.98 22.41
C ASP C 16 32.84 -9.15 21.61
N ALA C 17 33.70 -8.84 20.65
CA ALA C 17 34.43 -9.89 19.94
C ALA C 17 35.18 -10.80 20.93
N PHE C 18 35.74 -10.22 21.99
CA PHE C 18 36.48 -10.99 22.98
C PHE C 18 35.55 -11.75 23.90
N GLU C 19 34.50 -11.08 24.35
CA GLU C 19 33.48 -11.72 25.16
C GLU C 19 32.96 -13.01 24.48
N ARG C 20 32.68 -12.93 23.18
CA ARG C 20 32.06 -14.05 22.48
C ARG C 20 33.02 -14.96 21.69
N SER C 21 34.32 -14.74 21.86
CA SER C 21 35.35 -15.56 21.20
C SER C 21 35.31 -15.51 19.67
N LEU C 22 35.10 -14.31 19.14
CA LEU C 22 34.97 -14.15 17.71
C LEU C 22 36.17 -13.40 17.12
N VAL C 23 37.21 -13.19 17.93
CA VAL C 23 38.36 -12.43 17.46
C VAL C 23 39.01 -13.06 16.22
N ALA C 24 39.42 -14.32 16.31
CA ALA C 24 40.02 -14.97 15.15
C ALA C 24 39.04 -15.08 13.99
N GLU C 25 37.76 -15.29 14.29
CA GLU C 25 36.75 -15.39 13.25
C GLU C 25 36.75 -14.15 12.37
N ILE C 26 36.75 -12.99 13.03
CA ILE C 26 36.75 -11.69 12.38
C ILE C 26 38.02 -11.48 11.56
N MET C 27 39.17 -11.55 12.24
CA MET C 27 40.47 -11.41 11.59
C MET C 27 40.71 -12.39 10.43
N GLY C 28 40.21 -13.62 10.60
CA GLY C 28 40.31 -14.62 9.55
C GLY C 28 39.56 -14.23 8.30
N ARG C 29 38.38 -13.65 8.45
CA ARG C 29 37.62 -13.19 7.29
C ARG C 29 38.45 -12.24 6.43
N ILE C 30 39.14 -11.31 7.08
CA ILE C 30 40.00 -10.36 6.40
C ILE C 30 41.28 -11.00 5.87
N GLU C 31 41.81 -11.98 6.59
CA GLU C 31 43.03 -12.68 6.16
C GLU C 31 42.80 -13.49 4.90
N LYS C 32 41.65 -14.16 4.83
CA LYS C 32 41.25 -14.97 3.68
C LYS C 32 40.97 -14.13 2.44
N LYS C 33 40.73 -12.84 2.63
CA LYS C 33 40.45 -11.92 1.54
C LYS C 33 41.76 -11.33 1.07
N ASN C 34 42.82 -11.65 1.80
CA ASN C 34 44.19 -11.33 1.41
C ASN C 34 44.68 -9.94 1.76
N PHE C 35 44.19 -9.39 2.87
CA PHE C 35 44.72 -8.12 3.35
C PHE C 35 45.84 -8.37 4.36
N LYS C 36 46.83 -7.48 4.39
CA LYS C 36 48.02 -7.69 5.19
C LYS C 36 48.04 -6.79 6.39
N ILE C 37 48.51 -7.33 7.52
CA ILE C 37 48.72 -6.54 8.72
C ILE C 37 50.04 -5.76 8.63
N VAL C 38 49.94 -4.45 8.72
CA VAL C 38 51.09 -3.57 8.79
C VAL C 38 51.43 -3.23 10.24
N SER C 39 50.40 -3.00 11.05
CA SER C 39 50.57 -2.72 12.47
C SER C 39 49.47 -3.39 13.26
N MET C 40 49.73 -3.66 14.54
CA MET C 40 48.71 -4.22 15.41
C MET C 40 49.00 -4.00 16.89
N LYS C 41 48.01 -3.53 17.64
CA LYS C 41 48.16 -3.35 19.07
C LYS C 41 47.02 -4.03 19.83
N PHE C 42 47.36 -4.68 20.93
CA PHE C 42 46.35 -5.23 21.84
C PHE C 42 46.21 -4.30 23.05
N TRP C 43 44.97 -3.95 23.40
CA TRP C 43 44.71 -3.11 24.56
C TRP C 43 43.77 -3.81 25.51
N SER C 44 44.27 -4.26 26.66
CA SER C 44 43.40 -4.93 27.64
C SER C 44 42.33 -3.96 28.17
N LYS C 45 42.64 -2.68 28.10
CA LYS C 45 41.66 -1.62 28.34
C LYS C 45 42.15 -0.37 27.62
N ALA C 46 41.42 0.07 26.60
CA ALA C 46 41.84 1.24 25.84
C ALA C 46 41.70 2.52 26.66
N PRO C 47 42.74 3.36 26.67
CA PRO C 47 42.68 4.65 27.36
C PRO C 47 41.49 5.46 26.88
N ARG C 48 40.66 5.91 27.82
CA ARG C 48 39.42 6.61 27.50
C ARG C 48 39.62 7.70 26.46
N ASN C 49 40.70 8.46 26.60
CA ASN C 49 41.02 9.54 25.69
C ASN C 49 41.07 9.08 24.24
N LEU C 50 41.77 7.98 23.99
CA LEU C 50 41.90 7.44 22.64
C LEU C 50 40.55 7.10 22.04
N ILE C 51 39.67 6.56 22.87
CA ILE C 51 38.32 6.23 22.44
C ILE C 51 37.56 7.47 22.05
N GLU C 52 37.63 8.49 22.90
CA GLU C 52 36.95 9.77 22.65
C GLU C 52 37.43 10.46 21.36
N GLN C 53 38.75 10.48 21.16
CA GLN C 53 39.33 10.98 19.91
C GLN C 53 38.82 10.15 18.73
N HIS C 54 38.91 8.84 18.86
CA HIS C 54 38.47 7.95 17.80
C HIS C 54 37.02 8.21 17.38
N TYR C 55 36.19 8.57 18.35
CA TYR C 55 34.77 8.79 18.08
C TYR C 55 34.33 10.24 18.28
N LYS C 56 35.26 11.19 18.10
CA LYS C 56 34.95 12.62 18.29
C LYS C 56 33.76 13.13 17.47
N GLU C 57 33.62 12.62 16.26
CA GLU C 57 32.55 13.05 15.36
C GLU C 57 31.17 12.63 15.85
N HIS C 58 31.15 11.92 16.97
CA HIS C 58 29.90 11.40 17.54
C HIS C 58 29.67 11.97 18.92
N SER C 59 30.60 12.81 19.39
CA SER C 59 30.54 13.36 20.74
C SER C 59 29.26 14.12 21.00
N GLU C 60 28.44 14.28 19.96
CA GLU C 60 27.22 15.08 20.04
C GLU C 60 25.94 14.25 20.18
N GLN C 61 26.05 12.93 20.06
CA GLN C 61 24.89 12.05 20.09
C GLN C 61 24.64 11.51 21.50
N SER C 62 23.40 11.16 21.80
CA SER C 62 23.05 10.67 23.13
C SER C 62 23.82 9.39 23.42
N TYR C 63 23.89 8.52 22.43
CA TYR C 63 24.58 7.26 22.59
C TYR C 63 26.08 7.43 22.85
N PHE C 64 26.67 8.51 22.35
CA PHE C 64 28.13 8.70 22.45
C PHE C 64 28.71 8.31 23.81
N ASN C 65 28.03 8.65 24.88
CA ASN C 65 28.56 8.38 26.20
C ASN C 65 28.52 6.89 26.57
N ASP C 66 27.42 6.22 26.21
CA ASP C 66 27.30 4.79 26.43
C ASP C 66 28.27 4.00 25.55
N LEU C 67 28.62 4.60 24.41
CA LEU C 67 29.53 4.02 23.45
C LEU C 67 30.92 3.93 24.06
N CYS C 68 31.39 5.04 24.61
CA CYS C 68 32.68 5.07 25.27
C CYS C 68 32.75 4.10 26.45
N ASP C 69 31.65 3.99 27.18
CA ASP C 69 31.58 3.11 28.32
C ASP C 69 31.87 1.70 27.86
N PHE C 70 31.24 1.31 26.76
CA PHE C 70 31.37 -0.03 26.23
C PHE C 70 32.74 -0.30 25.61
N MET C 71 33.30 0.69 24.89
CA MET C 71 34.59 0.52 24.22
C MET C 71 35.75 0.35 25.21
N VAL C 72 35.47 0.53 26.50
CA VAL C 72 36.46 0.23 27.53
C VAL C 72 36.04 -0.93 28.44
N SER C 73 34.86 -1.50 28.19
CA SER C 73 34.34 -2.56 29.05
C SER C 73 35.20 -3.82 28.97
N GLY C 74 35.96 -3.95 27.89
CA GLY C 74 36.79 -5.12 27.67
C GLY C 74 37.95 -4.77 26.76
N PRO C 75 38.78 -5.77 26.40
CA PRO C 75 39.94 -5.52 25.57
C PRO C 75 39.53 -5.11 24.16
N ILE C 76 40.44 -4.49 23.42
CA ILE C 76 40.24 -4.26 21.99
C ILE C 76 41.55 -4.45 21.24
N ILE C 77 41.45 -4.68 19.93
CA ILE C 77 42.64 -4.75 19.08
C ILE C 77 42.55 -3.72 17.96
N SER C 78 43.58 -2.89 17.84
CA SER C 78 43.65 -1.90 16.77
C SER C 78 44.60 -2.40 15.69
N ILE C 79 44.08 -2.63 14.50
CA ILE C 79 44.89 -3.17 13.40
C ILE C 79 44.96 -2.21 12.23
N VAL C 80 46.12 -2.16 11.57
CA VAL C 80 46.24 -1.44 10.32
C VAL C 80 46.41 -2.45 9.18
N TYR C 81 45.41 -2.52 8.32
CA TYR C 81 45.45 -3.41 7.16
C TYR C 81 45.86 -2.64 5.91
N GLU C 82 46.52 -3.32 4.98
CA GLU C 82 46.96 -2.70 3.73
C GLU C 82 46.62 -3.59 2.54
N GLY C 83 46.10 -2.98 1.49
CA GLY C 83 45.72 -3.70 0.29
C GLY C 83 45.05 -2.82 -0.74
N THR C 84 44.65 -3.40 -1.86
CA THR C 84 44.04 -2.65 -2.94
C THR C 84 42.65 -2.19 -2.55
N ASP C 85 42.40 -0.89 -2.62
CA ASP C 85 41.11 -0.32 -2.25
C ASP C 85 40.65 -0.88 -0.92
N ALA C 86 41.55 -0.91 0.05
CA ALA C 86 41.32 -1.57 1.33
C ALA C 86 40.18 -0.93 2.13
N ILE C 87 40.08 0.39 2.07
CA ILE C 87 39.05 1.09 2.85
C ILE C 87 37.64 0.61 2.49
N SER C 88 37.26 0.76 1.23
CA SER C 88 35.91 0.39 0.81
C SER C 88 35.71 -1.11 0.93
N LYS C 89 36.68 -1.88 0.48
CA LYS C 89 36.59 -3.34 0.51
C LYS C 89 36.34 -3.93 1.91
N ILE C 90 37.04 -3.41 2.91
CA ILE C 90 36.83 -3.89 4.28
C ILE C 90 35.53 -3.38 4.91
N ARG C 91 35.06 -2.19 4.51
CA ARG C 91 33.75 -1.75 4.98
C ARG C 91 32.64 -2.68 4.50
N ARG C 92 32.78 -3.16 3.27
CA ARG C 92 31.77 -4.06 2.70
C ARG C 92 31.80 -5.43 3.40
N LEU C 93 32.99 -5.89 3.75
CA LEU C 93 33.12 -7.08 4.60
C LEU C 93 32.46 -6.87 5.95
N GLN C 94 32.52 -5.65 6.44
CA GLN C 94 32.00 -5.29 7.75
C GLN C 94 30.48 -5.34 7.74
N GLY C 95 29.86 -4.70 6.74
CA GLY C 95 28.41 -4.60 6.68
C GLY C 95 27.91 -3.28 7.26
N ASN C 96 26.59 -3.10 7.28
CA ASN C 96 25.96 -1.91 7.84
C ASN C 96 25.81 -2.03 9.38
N THR C 97 25.67 -0.89 10.06
CA THR C 97 25.58 -0.86 11.53
C THR C 97 24.27 -1.42 12.10
N ASN C 98 23.16 -0.86 11.62
CA ASN C 98 21.81 -1.32 11.95
C ASN C 98 21.67 -2.80 11.59
N PRO C 99 21.29 -3.64 12.58
CA PRO C 99 21.21 -5.10 12.42
C PRO C 99 20.11 -5.61 11.46
N LEU C 100 19.21 -4.72 11.03
CA LEU C 100 18.19 -5.05 10.04
C LEU C 100 18.75 -4.95 8.60
N ALA C 101 19.86 -4.23 8.46
CA ALA C 101 20.39 -3.86 7.15
C ALA C 101 21.63 -4.65 6.74
N SER C 102 22.45 -5.03 7.70
CA SER C 102 23.69 -5.77 7.38
C SER C 102 23.42 -7.16 6.78
N ALA C 103 24.02 -7.43 5.62
CA ALA C 103 23.70 -8.61 4.82
C ALA C 103 24.43 -9.88 5.26
N PRO C 104 23.73 -11.03 5.21
CA PRO C 104 24.38 -12.32 5.46
C PRO C 104 25.58 -12.48 4.53
N GLY C 105 26.71 -12.87 5.10
CA GLY C 105 27.95 -12.95 4.36
C GLY C 105 28.97 -11.99 4.91
N THR C 106 28.48 -10.89 5.46
CA THR C 106 29.33 -9.88 6.07
C THR C 106 29.57 -10.26 7.53
N ILE C 107 30.51 -9.58 8.17
CA ILE C 107 30.87 -9.91 9.54
C ILE C 107 29.72 -9.59 10.49
N ARG C 108 29.21 -8.36 10.41
CA ARG C 108 28.08 -7.97 11.25
C ARG C 108 26.81 -8.73 10.89
N GLY C 109 26.68 -9.07 9.61
CA GLY C 109 25.49 -9.75 9.14
C GLY C 109 25.41 -11.21 9.57
N ASP C 110 26.58 -11.81 9.80
CA ASP C 110 26.67 -13.21 10.23
C ASP C 110 26.69 -13.33 11.74
N LEU C 111 27.29 -12.34 12.41
CA LEU C 111 27.67 -12.51 13.81
C LEU C 111 27.14 -11.46 14.78
N ALA C 112 26.73 -10.30 14.27
CA ALA C 112 26.37 -9.20 15.16
C ALA C 112 24.87 -8.93 15.24
N ASN C 113 24.38 -8.59 16.43
CA ASN C 113 22.94 -8.35 16.56
C ASN C 113 22.58 -7.18 17.48
N ASP C 114 23.28 -6.06 17.34
CA ASP C 114 23.06 -4.93 18.22
C ASP C 114 23.56 -3.65 17.59
N ILE C 115 22.85 -2.54 17.82
CA ILE C 115 23.22 -1.28 17.21
C ILE C 115 24.57 -0.79 17.75
N ARG C 116 24.86 -1.12 18.99
CA ARG C 116 26.10 -0.67 19.65
C ARG C 116 27.17 -1.74 19.61
N GLU C 117 26.87 -2.91 20.16
CA GLU C 117 27.84 -3.99 20.22
C GLU C 117 27.92 -4.73 18.89
N ASN C 118 28.81 -4.28 18.02
CA ASN C 118 28.93 -4.87 16.70
C ASN C 118 30.35 -5.31 16.28
N LEU C 119 31.15 -5.75 17.26
CA LEU C 119 32.35 -6.53 16.98
C LEU C 119 33.54 -5.79 16.33
N ILE C 120 33.26 -4.93 15.35
CA ILE C 120 34.34 -4.33 14.57
C ILE C 120 34.10 -2.88 14.17
N HIS C 121 35.17 -2.08 14.20
CA HIS C 121 35.20 -0.79 13.54
C HIS C 121 36.08 -0.87 12.31
N ALA C 122 35.79 -0.06 11.29
CA ALA C 122 36.65 0.07 10.13
C ALA C 122 36.56 1.48 9.57
N SER C 123 37.71 2.11 9.27
CA SER C 123 37.73 3.43 8.64
C SER C 123 36.81 3.47 7.41
N ASP C 124 36.23 4.62 7.09
CA ASP C 124 35.31 4.70 5.95
C ASP C 124 35.70 5.67 4.82
N SER C 125 36.90 6.23 4.89
CA SER C 125 37.39 7.17 3.89
C SER C 125 38.88 7.37 4.11
N GLU C 126 39.59 7.88 3.10
CA GLU C 126 41.02 8.14 3.24
C GLU C 126 41.30 9.13 4.36
N ASP C 127 40.36 10.04 4.59
CA ASP C 127 40.51 11.04 5.63
C ASP C 127 40.33 10.46 7.03
N SER C 128 39.33 9.61 7.21
CA SER C 128 39.15 8.88 8.46
C SER C 128 40.38 8.02 8.73
N ALA C 129 40.67 7.12 7.79
CA ALA C 129 41.81 6.21 7.91
C ALA C 129 43.07 6.88 8.42
N VAL C 130 43.42 8.02 7.81
CA VAL C 130 44.64 8.73 8.20
C VAL C 130 44.53 9.20 9.64
N ASP C 131 43.47 9.93 9.91
CA ASP C 131 43.17 10.44 11.23
C ASP C 131 43.18 9.34 12.31
N GLU C 132 42.46 8.24 12.05
CA GLU C 132 42.35 7.14 13.00
C GLU C 132 43.63 6.33 13.15
N ILE C 133 44.43 6.27 12.09
CA ILE C 133 45.73 5.61 12.20
C ILE C 133 46.66 6.41 13.11
N SER C 134 46.61 7.74 12.99
CA SER C 134 47.46 8.63 13.79
C SER C 134 47.09 8.62 15.28
N ILE C 135 45.87 8.18 15.58
CA ILE C 135 45.40 8.07 16.96
C ILE C 135 45.94 6.82 17.66
N TRP C 136 45.90 5.69 16.95
CA TRP C 136 46.30 4.42 17.54
C TRP C 136 47.77 4.14 17.28
N PHE C 137 48.35 4.87 16.34
CA PHE C 137 49.71 4.56 15.88
C PHE C 137 50.59 5.78 15.57
N PRO C 138 50.95 6.56 16.59
CA PRO C 138 52.07 7.51 16.46
C PRO C 138 53.42 6.77 16.47
N LEU D 6 17.80 -28.55 -15.39
CA LEU D 6 18.98 -29.39 -15.09
C LEU D 6 20.07 -29.21 -16.12
N GLN D 7 21.01 -28.30 -15.85
CA GLN D 7 22.07 -27.95 -16.78
C GLN D 7 23.40 -28.62 -16.42
N ARG D 8 24.41 -28.37 -17.26
CA ARG D 8 25.79 -28.66 -16.91
C ARG D 8 26.61 -27.42 -17.25
N THR D 9 27.59 -27.10 -16.41
CA THR D 9 28.38 -25.90 -16.59
C THR D 9 29.86 -26.27 -16.52
N LEU D 10 30.72 -25.47 -17.15
CA LEU D 10 32.17 -25.68 -17.01
C LEU D 10 32.79 -24.75 -15.96
N VAL D 11 33.50 -25.33 -15.01
CA VAL D 11 34.20 -24.55 -14.00
C VAL D 11 35.71 -24.74 -14.19
N LEU D 12 36.46 -23.63 -14.09
CA LEU D 12 37.90 -23.72 -14.03
C LEU D 12 38.38 -23.19 -12.68
N ILE D 13 39.21 -23.99 -12.00
CA ILE D 13 39.90 -23.56 -10.79
C ILE D 13 41.27 -23.01 -11.21
N LYS D 14 41.44 -21.70 -11.05
CA LYS D 14 42.58 -20.98 -11.61
C LYS D 14 43.88 -21.23 -10.82
N PRO D 15 45.03 -20.94 -11.43
CA PRO D 15 46.33 -21.25 -10.81
C PRO D 15 46.53 -20.60 -9.45
N ASP D 16 45.88 -19.48 -9.20
CA ASP D 16 46.05 -18.78 -7.94
C ASP D 16 45.33 -19.48 -6.78
N ALA D 17 44.37 -20.33 -7.10
CA ALA D 17 43.70 -21.10 -6.07
C ALA D 17 44.66 -22.14 -5.51
N PHE D 18 45.51 -22.67 -6.39
CA PHE D 18 46.54 -23.63 -5.98
C PHE D 18 47.62 -22.92 -5.19
N GLU D 19 48.12 -21.83 -5.76
CA GLU D 19 49.03 -20.95 -5.03
C GLU D 19 48.57 -20.72 -3.58
N ARG D 20 47.36 -20.23 -3.42
CA ARG D 20 46.87 -19.83 -2.11
C ARG D 20 46.23 -20.98 -1.35
N SER D 21 46.26 -22.17 -1.93
CA SER D 21 45.71 -23.36 -1.28
C SER D 21 44.21 -23.22 -0.98
N LEU D 22 43.46 -22.68 -1.93
CA LEU D 22 42.03 -22.47 -1.73
C LEU D 22 41.22 -23.43 -2.57
N VAL D 23 41.88 -24.46 -3.09
CA VAL D 23 41.24 -25.39 -4.01
C VAL D 23 40.03 -26.13 -3.43
N ALA D 24 40.21 -26.81 -2.29
CA ALA D 24 39.10 -27.55 -1.68
C ALA D 24 38.02 -26.60 -1.15
N GLU D 25 38.45 -25.42 -0.75
CA GLU D 25 37.56 -24.41 -0.23
C GLU D 25 36.57 -23.98 -1.31
N ILE D 26 37.08 -23.73 -2.51
CA ILE D 26 36.24 -23.32 -3.61
C ILE D 26 35.31 -24.44 -4.01
N MET D 27 35.87 -25.63 -4.21
CA MET D 27 35.07 -26.79 -4.60
C MET D 27 33.98 -27.14 -3.57
N GLY D 28 34.32 -27.05 -2.29
CA GLY D 28 33.38 -27.36 -1.23
C GLY D 28 32.19 -26.42 -1.19
N ARG D 29 32.38 -25.18 -1.62
CA ARG D 29 31.24 -24.26 -1.69
C ARG D 29 30.21 -24.76 -2.69
N ILE D 30 30.70 -25.32 -3.78
CA ILE D 30 29.83 -25.83 -4.83
C ILE D 30 29.23 -27.18 -4.44
N GLU D 31 30.04 -28.03 -3.82
CA GLU D 31 29.62 -29.34 -3.32
C GLU D 31 28.48 -29.19 -2.30
N LYS D 32 28.62 -28.20 -1.41
CA LYS D 32 27.62 -27.96 -0.37
C LYS D 32 26.31 -27.50 -0.96
N LYS D 33 26.38 -26.80 -2.09
CA LYS D 33 25.19 -26.27 -2.76
C LYS D 33 24.48 -27.38 -3.53
N ASN D 34 25.08 -28.57 -3.53
CA ASN D 34 24.47 -29.81 -4.03
C ASN D 34 24.64 -30.08 -5.54
N PHE D 35 25.75 -29.63 -6.10
CA PHE D 35 26.07 -29.91 -7.50
C PHE D 35 27.01 -31.09 -7.62
N LYS D 36 26.85 -31.83 -8.71
CA LYS D 36 27.62 -33.05 -8.94
C LYS D 36 28.73 -32.88 -9.96
N ILE D 37 29.90 -33.45 -9.64
CA ILE D 37 30.96 -33.60 -10.62
C ILE D 37 30.56 -34.69 -11.60
N VAL D 38 30.57 -34.36 -12.88
CA VAL D 38 30.27 -35.31 -13.94
C VAL D 38 31.56 -35.73 -14.65
N SER D 39 32.43 -34.74 -14.86
CA SER D 39 33.76 -34.97 -15.41
C SER D 39 34.77 -34.05 -14.73
N MET D 40 36.02 -34.50 -14.62
CA MET D 40 37.08 -33.69 -14.01
C MET D 40 38.49 -34.06 -14.44
N LYS D 41 39.21 -33.07 -14.97
CA LYS D 41 40.60 -33.23 -15.39
C LYS D 41 41.53 -32.28 -14.61
N PHE D 42 42.72 -32.77 -14.25
CA PHE D 42 43.73 -31.91 -13.65
C PHE D 42 44.87 -31.62 -14.63
N TRP D 43 45.21 -30.34 -14.76
CA TRP D 43 46.29 -29.92 -15.65
C TRP D 43 47.45 -29.30 -14.89
N SER D 44 48.56 -30.01 -14.78
CA SER D 44 49.75 -29.47 -14.11
C SER D 44 50.12 -28.15 -14.77
N LYS D 45 49.82 -28.06 -16.07
CA LYS D 45 49.97 -26.86 -16.85
C LYS D 45 49.07 -27.03 -18.06
N ALA D 46 48.11 -26.13 -18.24
CA ALA D 46 47.22 -26.22 -19.36
C ALA D 46 47.96 -25.84 -20.64
N PRO D 47 47.80 -26.62 -21.73
CA PRO D 47 48.33 -26.19 -23.02
C PRO D 47 47.81 -24.80 -23.30
N ARG D 48 48.67 -23.89 -23.74
CA ARG D 48 48.25 -22.52 -24.02
C ARG D 48 47.17 -22.44 -25.10
N ASN D 49 47.29 -23.31 -26.11
CA ASN D 49 46.28 -23.45 -27.14
C ASN D 49 44.86 -23.53 -26.54
N LEU D 50 44.69 -24.39 -25.53
CA LEU D 50 43.40 -24.54 -24.83
C LEU D 50 42.93 -23.27 -24.13
N ILE D 51 43.83 -22.60 -23.42
CA ILE D 51 43.49 -21.37 -22.71
C ILE D 51 43.04 -20.31 -23.71
N GLU D 52 43.66 -20.30 -24.88
CA GLU D 52 43.30 -19.36 -25.92
C GLU D 52 41.96 -19.69 -26.59
N GLN D 53 41.74 -20.98 -26.85
CA GLN D 53 40.42 -21.45 -27.28
C GLN D 53 39.35 -21.00 -26.29
N HIS D 54 39.62 -21.22 -25.00
CA HIS D 54 38.63 -20.99 -23.94
C HIS D 54 38.19 -19.54 -23.88
N TYR D 55 39.16 -18.62 -23.94
CA TYR D 55 38.87 -17.20 -23.79
C TYR D 55 38.85 -16.47 -25.14
N LYS D 56 38.62 -17.22 -26.22
CA LYS D 56 38.63 -16.68 -27.58
C LYS D 56 37.75 -15.43 -27.77
N GLU D 57 36.68 -15.33 -26.97
CA GLU D 57 35.79 -14.18 -27.08
C GLU D 57 36.48 -12.94 -26.55
N HIS D 58 37.61 -13.13 -25.88
CA HIS D 58 38.34 -12.03 -25.24
C HIS D 58 39.61 -11.63 -25.99
N SER D 59 39.84 -12.22 -27.16
CA SER D 59 41.12 -12.06 -27.87
C SER D 59 41.50 -10.64 -28.32
N GLU D 60 40.53 -9.73 -28.38
CA GLU D 60 40.82 -8.36 -28.78
C GLU D 60 40.84 -7.39 -27.59
N GLN D 61 40.92 -7.94 -26.38
CA GLN D 61 40.92 -7.11 -25.17
C GLN D 61 42.34 -6.81 -24.71
N SER D 62 42.53 -5.67 -24.06
CA SER D 62 43.85 -5.28 -23.59
C SER D 62 44.44 -6.32 -22.65
N TYR D 63 43.58 -7.02 -21.93
CA TYR D 63 44.03 -7.97 -20.91
C TYR D 63 44.28 -9.38 -21.43
N PHE D 64 43.75 -9.69 -22.62
CA PHE D 64 43.82 -11.04 -23.17
C PHE D 64 45.17 -11.69 -22.97
N ASN D 65 46.21 -11.04 -23.46
CA ASN D 65 47.54 -11.60 -23.40
C ASN D 65 48.07 -11.87 -21.99
N ASP D 66 47.84 -10.92 -21.09
CA ASP D 66 48.28 -11.08 -19.71
C ASP D 66 47.49 -12.14 -18.97
N LEU D 67 46.20 -12.26 -19.28
CA LEU D 67 45.33 -13.27 -18.68
C LEU D 67 45.80 -14.69 -19.02
N CYS D 68 46.13 -14.91 -20.29
CA CYS D 68 46.55 -16.22 -20.74
C CYS D 68 47.86 -16.63 -20.08
N ASP D 69 48.76 -15.66 -19.92
CA ASP D 69 50.00 -15.90 -19.17
C ASP D 69 49.67 -16.37 -17.75
N PHE D 70 48.74 -15.70 -17.11
CA PHE D 70 48.35 -16.07 -15.75
C PHE D 70 47.84 -17.51 -15.69
N MET D 71 46.99 -17.87 -16.66
CA MET D 71 46.34 -19.19 -16.68
C MET D 71 47.30 -20.37 -16.91
N VAL D 72 48.50 -20.08 -17.41
CA VAL D 72 49.49 -21.14 -17.62
C VAL D 72 50.60 -21.08 -16.57
N SER D 73 50.44 -20.20 -15.59
CA SER D 73 51.48 -19.97 -14.59
C SER D 73 51.46 -21.02 -13.49
N GLY D 74 50.48 -21.91 -13.54
CA GLY D 74 50.39 -22.98 -12.57
C GLY D 74 49.31 -23.95 -12.99
N PRO D 75 49.02 -24.94 -12.13
CA PRO D 75 48.03 -25.96 -12.47
C PRO D 75 46.62 -25.36 -12.48
N ILE D 76 45.68 -26.01 -13.16
CA ILE D 76 44.29 -25.64 -13.04
C ILE D 76 43.46 -26.90 -13.13
N ILE D 77 42.20 -26.83 -12.70
CA ILE D 77 41.30 -27.97 -12.79
C ILE D 77 40.07 -27.59 -13.58
N SER D 78 39.75 -28.39 -14.60
CA SER D 78 38.53 -28.21 -15.35
C SER D 78 37.44 -29.15 -14.82
N ILE D 79 36.31 -28.58 -14.42
CA ILE D 79 35.22 -29.40 -13.91
C ILE D 79 33.92 -29.20 -14.67
N VAL D 80 33.19 -30.30 -14.85
CA VAL D 80 31.82 -30.25 -15.33
C VAL D 80 30.88 -30.53 -14.17
N TYR D 81 30.11 -29.50 -13.80
CA TYR D 81 29.14 -29.62 -12.72
C TYR D 81 27.73 -29.78 -13.29
N GLU D 82 26.88 -30.53 -12.59
CA GLU D 82 25.52 -30.79 -13.05
C GLU D 82 24.51 -30.50 -11.95
N GLY D 83 23.45 -29.78 -12.31
CA GLY D 83 22.37 -29.49 -11.38
C GLY D 83 21.30 -28.60 -12.00
N THR D 84 20.16 -28.50 -11.34
CA THR D 84 19.07 -27.61 -11.78
C THR D 84 19.60 -26.18 -11.90
N ASP D 85 19.57 -25.64 -13.12
CA ASP D 85 20.10 -24.30 -13.36
C ASP D 85 21.52 -24.17 -12.83
N ALA D 86 22.34 -25.17 -13.14
CA ALA D 86 23.72 -25.18 -12.67
C ALA D 86 24.46 -23.95 -13.17
N ILE D 87 24.25 -23.59 -14.43
CA ILE D 87 24.93 -22.46 -15.04
C ILE D 87 24.76 -21.16 -14.26
N SER D 88 23.53 -20.70 -14.08
CA SER D 88 23.29 -19.40 -13.45
C SER D 88 23.52 -19.38 -11.93
N LYS D 89 23.21 -20.49 -11.27
CA LYS D 89 23.37 -20.56 -9.82
C LYS D 89 24.84 -20.47 -9.42
N ILE D 90 25.67 -21.30 -10.04
CA ILE D 90 27.12 -21.26 -9.85
C ILE D 90 27.73 -19.91 -10.24
N ARG D 91 27.15 -19.23 -11.21
CA ARG D 91 27.64 -17.91 -11.56
C ARG D 91 27.41 -16.93 -10.44
N ARG D 92 26.31 -17.11 -9.70
CA ARG D 92 25.98 -16.18 -8.64
C ARG D 92 26.85 -16.40 -7.43
N LEU D 93 27.22 -17.66 -7.23
CA LEU D 93 28.11 -18.09 -6.17
C LEU D 93 29.48 -17.47 -6.35
N GLN D 94 29.86 -17.33 -7.62
CA GLN D 94 31.18 -16.85 -7.98
C GLN D 94 31.36 -15.36 -7.69
N GLY D 95 30.31 -14.57 -7.89
CA GLY D 95 30.37 -13.12 -7.69
C GLY D 95 31.02 -12.37 -8.84
N ASN D 96 30.92 -11.04 -8.81
CA ASN D 96 31.47 -10.16 -9.86
C ASN D 96 33.01 -10.22 -9.97
N THR D 97 33.52 -9.98 -11.17
CA THR D 97 34.96 -9.96 -11.41
C THR D 97 35.67 -8.80 -10.71
N ASN D 98 34.97 -7.66 -10.60
CA ASN D 98 35.56 -6.47 -10.01
C ASN D 98 35.51 -6.57 -8.50
N PRO D 99 36.69 -6.52 -7.85
CA PRO D 99 36.74 -6.64 -6.39
C PRO D 99 36.04 -5.47 -5.68
N LEU D 100 35.62 -4.46 -6.45
CA LEU D 100 34.93 -3.31 -5.89
C LEU D 100 33.43 -3.55 -5.82
N ALA D 101 32.99 -4.67 -6.40
CA ALA D 101 31.55 -4.92 -6.56
C ALA D 101 31.07 -6.32 -6.14
N SER D 102 32.00 -7.25 -5.97
CA SER D 102 31.62 -8.62 -5.62
C SER D 102 31.12 -8.71 -4.18
N ALA D 103 30.02 -9.42 -3.98
CA ALA D 103 29.33 -9.45 -2.69
C ALA D 103 29.98 -10.42 -1.72
N PRO D 104 30.12 -10.01 -0.44
CA PRO D 104 30.57 -10.99 0.55
C PRO D 104 29.62 -12.18 0.57
N GLY D 105 30.15 -13.35 0.90
CA GLY D 105 29.37 -14.56 0.82
C GLY D 105 29.62 -15.31 -0.48
N THR D 106 30.10 -14.60 -1.50
CA THR D 106 30.48 -15.25 -2.75
C THR D 106 31.94 -15.69 -2.68
N ILE D 107 32.34 -16.54 -3.61
CA ILE D 107 33.72 -17.03 -3.65
C ILE D 107 34.69 -15.89 -3.83
N ARG D 108 34.39 -14.99 -4.77
CA ARG D 108 35.30 -13.87 -5.05
C ARG D 108 35.18 -12.77 -4.00
N GLY D 109 33.95 -12.50 -3.56
CA GLY D 109 33.71 -11.50 -2.53
C GLY D 109 34.39 -11.84 -1.22
N ASP D 110 34.57 -13.13 -0.95
CA ASP D 110 35.22 -13.59 0.27
C ASP D 110 36.74 -13.77 0.13
N LEU D 111 37.16 -14.27 -1.03
CA LEU D 111 38.49 -14.85 -1.15
C LEU D 111 39.41 -14.16 -2.14
N ALA D 112 38.87 -13.29 -2.98
CA ALA D 112 39.66 -12.66 -4.05
C ALA D 112 39.85 -11.16 -3.86
N ASN D 113 40.93 -10.62 -4.40
CA ASN D 113 41.16 -9.19 -4.30
C ASN D 113 41.84 -8.61 -5.53
N ASP D 114 41.61 -9.22 -6.67
CA ASP D 114 42.23 -8.78 -7.91
C ASP D 114 41.22 -8.92 -9.05
N ILE D 115 41.37 -8.08 -10.07
CA ILE D 115 40.57 -8.16 -11.29
C ILE D 115 40.90 -9.43 -12.09
N ARG D 116 42.18 -9.81 -12.09
CA ARG D 116 42.64 -10.94 -12.90
C ARG D 116 42.73 -12.22 -12.11
N GLU D 117 43.39 -12.15 -10.96
CA GLU D 117 43.56 -13.35 -10.17
C GLU D 117 42.34 -13.55 -9.27
N ASN D 118 41.30 -14.15 -9.84
CA ASN D 118 40.02 -14.25 -9.16
C ASN D 118 39.55 -15.67 -8.96
N LEU D 119 40.51 -16.59 -8.87
CA LEU D 119 40.26 -17.94 -8.36
C LEU D 119 39.50 -18.91 -9.27
N ILE D 120 38.41 -18.46 -9.88
CA ILE D 120 37.51 -19.39 -10.53
C ILE D 120 36.97 -18.86 -11.87
N HIS D 121 36.63 -19.78 -12.77
CA HIS D 121 35.85 -19.45 -13.95
C HIS D 121 34.60 -20.33 -14.02
N ALA D 122 33.50 -19.75 -14.47
CA ALA D 122 32.27 -20.54 -14.70
C ALA D 122 31.50 -20.03 -15.92
N SER D 123 30.91 -20.95 -16.68
CA SER D 123 30.15 -20.61 -17.88
C SER D 123 28.98 -19.68 -17.56
N ASP D 124 28.58 -18.86 -18.54
CA ASP D 124 27.52 -17.87 -18.31
C ASP D 124 26.31 -17.98 -19.22
N SER D 125 26.33 -18.95 -20.12
CA SER D 125 25.17 -19.24 -20.95
C SER D 125 25.19 -20.70 -21.39
N GLU D 126 24.10 -21.14 -22.01
CA GLU D 126 24.05 -22.51 -22.50
C GLU D 126 25.08 -22.72 -23.60
N ASP D 127 25.15 -21.77 -24.53
CA ASP D 127 26.08 -21.87 -25.66
C ASP D 127 27.53 -21.78 -25.17
N SER D 128 27.75 -20.89 -24.21
CA SER D 128 29.02 -20.75 -23.52
C SER D 128 29.43 -22.10 -22.92
N ALA D 129 28.51 -22.72 -22.20
CA ALA D 129 28.80 -23.98 -21.53
C ALA D 129 29.14 -25.12 -22.50
N VAL D 130 28.32 -25.28 -23.54
CA VAL D 130 28.52 -26.39 -24.48
C VAL D 130 29.87 -26.26 -25.17
N ASP D 131 30.20 -25.02 -25.53
CA ASP D 131 31.45 -24.68 -26.19
C ASP D 131 32.65 -24.97 -25.30
N GLU D 132 32.64 -24.38 -24.10
CA GLU D 132 33.72 -24.58 -23.14
C GLU D 132 33.87 -26.04 -22.73
N ILE D 133 32.76 -26.76 -22.63
CA ILE D 133 32.83 -28.16 -22.25
C ILE D 133 33.50 -28.99 -23.35
N SER D 134 33.24 -28.63 -24.60
CA SER D 134 33.81 -29.35 -25.75
C SER D 134 35.31 -29.09 -25.88
N ILE D 135 35.75 -27.94 -25.41
CA ILE D 135 37.17 -27.60 -25.41
C ILE D 135 37.95 -28.43 -24.40
N TRP D 136 37.40 -28.59 -23.21
CA TRP D 136 38.12 -29.27 -22.14
C TRP D 136 37.87 -30.76 -22.08
N PHE D 137 36.75 -31.19 -22.65
CA PHE D 137 36.44 -32.62 -22.74
C PHE D 137 35.91 -32.97 -24.13
N PRO D 138 36.78 -32.85 -25.16
CA PRO D 138 36.45 -33.09 -26.56
C PRO D 138 35.85 -34.48 -26.81
N GLU D 139 35.73 -35.28 -25.77
CA GLU D 139 34.96 -36.52 -25.83
C GLU D 139 33.46 -36.24 -25.68
N LEU E 6 12.42 -7.40 21.35
CA LEU E 6 12.61 -8.81 21.68
C LEU E 6 11.46 -9.67 21.16
N GLN E 7 11.67 -10.32 20.03
CA GLN E 7 10.61 -11.15 19.42
C GLN E 7 10.92 -12.60 19.60
N ARG E 8 9.95 -13.43 19.28
CA ARG E 8 10.16 -14.86 19.19
C ARG E 8 9.68 -15.27 17.82
N THR E 9 10.31 -16.30 17.27
CA THR E 9 9.94 -16.75 15.93
C THR E 9 10.03 -18.27 15.86
N LEU E 10 9.30 -18.86 14.93
CA LEU E 10 9.37 -20.31 14.75
C LEU E 10 10.19 -20.73 13.53
N VAL E 11 11.17 -21.60 13.78
CA VAL E 11 11.98 -22.16 12.71
C VAL E 11 11.69 -23.65 12.61
N LEU E 12 11.54 -24.13 11.38
CA LEU E 12 11.50 -25.56 11.14
C LEU E 12 12.77 -25.94 10.43
N ILE E 13 13.38 -27.04 10.87
CA ILE E 13 14.45 -27.68 10.12
C ILE E 13 13.82 -28.83 9.35
N LYS E 14 13.70 -28.68 8.03
CA LYS E 14 13.01 -29.66 7.17
C LYS E 14 13.74 -31.00 7.02
N PRO E 15 13.03 -32.00 6.50
CA PRO E 15 13.60 -33.36 6.38
C PRO E 15 14.87 -33.45 5.52
N ASP E 16 15.00 -32.61 4.50
CA ASP E 16 16.17 -32.69 3.64
C ASP E 16 17.45 -32.30 4.40
N ALA E 17 17.28 -31.52 5.46
CA ALA E 17 18.40 -31.15 6.30
C ALA E 17 18.98 -32.36 7.04
N PHE E 18 18.13 -33.32 7.39
CA PHE E 18 18.60 -34.53 8.05
C PHE E 18 19.22 -35.51 7.07
N GLU E 19 18.60 -35.63 5.90
CA GLU E 19 19.11 -36.50 4.86
C GLU E 19 20.51 -36.05 4.49
N ARG E 20 20.73 -34.73 4.46
CA ARG E 20 21.99 -34.17 3.99
C ARG E 20 22.94 -33.77 5.12
N SER E 21 22.54 -34.09 6.35
CA SER E 21 23.41 -33.88 7.51
C SER E 21 23.78 -32.41 7.73
N LEU E 22 22.81 -31.52 7.52
CA LEU E 22 23.03 -30.08 7.64
C LEU E 22 22.31 -29.45 8.82
N VAL E 23 21.88 -30.28 9.77
CA VAL E 23 21.15 -29.79 10.92
C VAL E 23 21.98 -28.82 11.77
N ALA E 24 23.21 -29.19 12.06
CA ALA E 24 24.05 -28.36 12.89
C ALA E 24 24.52 -27.13 12.12
N GLU E 25 24.80 -27.33 10.83
CA GLU E 25 25.22 -26.23 9.96
C GLU E 25 24.22 -25.08 10.04
N ILE E 26 22.94 -25.42 9.95
CA ILE E 26 21.88 -24.42 9.94
C ILE E 26 21.65 -23.82 11.33
N MET E 27 21.54 -24.68 12.34
CA MET E 27 21.32 -24.20 13.69
C MET E 27 22.47 -23.32 14.11
N GLY E 28 23.65 -23.67 13.61
CA GLY E 28 24.87 -22.95 13.92
C GLY E 28 24.94 -21.54 13.39
N ARG E 29 24.44 -21.32 12.19
CA ARG E 29 24.38 -19.98 11.61
C ARG E 29 23.47 -19.08 12.42
N ILE E 30 22.39 -19.66 12.96
CA ILE E 30 21.49 -18.92 13.84
C ILE E 30 22.10 -18.70 15.23
N GLU E 31 22.77 -19.71 15.77
CA GLU E 31 23.40 -19.58 17.08
C GLU E 31 24.45 -18.47 17.09
N LYS E 32 25.17 -18.33 15.99
CA LYS E 32 26.26 -17.37 15.83
C LYS E 32 25.79 -15.93 15.63
N LYS E 33 24.51 -15.78 15.31
CA LYS E 33 23.92 -14.46 15.13
C LYS E 33 23.38 -14.08 16.51
N ASN E 34 23.58 -15.00 17.45
CA ASN E 34 23.31 -14.76 18.86
C ASN E 34 21.82 -14.78 19.25
N PHE E 35 21.04 -15.61 18.57
CA PHE E 35 19.68 -15.90 19.00
C PHE E 35 19.64 -17.10 19.94
N LYS E 36 18.71 -17.07 20.89
CA LYS E 36 18.63 -18.11 21.91
C LYS E 36 17.50 -19.07 21.66
N ILE E 37 17.73 -20.35 21.96
CA ILE E 37 16.66 -21.35 21.89
C ILE E 37 15.74 -21.23 23.10
N VAL E 38 14.49 -20.86 22.85
CA VAL E 38 13.47 -20.77 23.87
C VAL E 38 12.83 -22.13 24.12
N SER E 39 12.57 -22.86 23.04
CA SER E 39 12.12 -24.24 23.16
C SER E 39 12.31 -25.00 21.86
N MET E 40 12.20 -26.32 21.96
CA MET E 40 12.60 -27.22 20.88
C MET E 40 12.02 -28.62 21.03
N LYS E 41 11.41 -29.11 19.96
CA LYS E 41 10.89 -30.46 19.93
C LYS E 41 11.39 -31.17 18.67
N PHE E 42 11.68 -32.46 18.81
CA PHE E 42 12.12 -33.26 17.67
C PHE E 42 11.00 -34.23 17.27
N TRP E 43 10.66 -34.23 15.98
CA TRP E 43 9.60 -35.09 15.47
C TRP E 43 10.14 -36.10 14.49
N SER E 44 10.34 -37.34 14.91
CA SER E 44 10.88 -38.35 14.00
C SER E 44 10.01 -38.41 12.74
N LYS E 45 8.75 -38.03 12.89
CA LYS E 45 7.86 -37.84 11.76
C LYS E 45 6.68 -36.98 12.20
N ALA E 46 6.55 -35.82 11.59
CA ALA E 46 5.46 -34.91 11.95
C ALA E 46 4.11 -35.46 11.51
N PRO E 47 3.08 -35.25 12.34
CA PRO E 47 1.71 -35.61 11.94
C PRO E 47 1.23 -34.71 10.82
N ARG E 48 0.77 -35.29 9.71
CA ARG E 48 0.33 -34.51 8.56
C ARG E 48 -0.66 -33.40 8.89
N ASN E 49 -1.34 -33.52 10.03
CA ASN E 49 -2.31 -32.50 10.44
C ASN E 49 -1.64 -31.17 10.81
N LEU E 50 -0.50 -31.24 11.49
CA LEU E 50 0.24 -30.05 11.84
C LEU E 50 0.79 -29.41 10.58
N ILE E 51 1.31 -30.25 9.69
CA ILE E 51 1.91 -29.74 8.47
C ILE E 51 0.88 -28.90 7.74
N GLU E 52 -0.32 -29.46 7.58
CA GLU E 52 -1.36 -28.76 6.87
C GLU E 52 -1.83 -27.53 7.63
N GLN E 53 -1.90 -27.63 8.95
CA GLN E 53 -2.14 -26.47 9.79
C GLN E 53 -1.08 -25.41 9.53
N HIS E 54 0.17 -25.81 9.72
CA HIS E 54 1.31 -24.92 9.54
C HIS E 54 1.20 -24.17 8.23
N TYR E 55 1.01 -24.91 7.14
CA TYR E 55 0.99 -24.35 5.80
C TYR E 55 -0.42 -24.08 5.27
N LYS E 56 -1.41 -23.95 6.15
CA LYS E 56 -2.80 -23.79 5.72
C LYS E 56 -3.02 -22.65 4.71
N GLU E 57 -2.13 -21.67 4.70
CA GLU E 57 -2.22 -20.55 3.76
C GLU E 57 -1.88 -20.96 2.33
N HIS E 58 -1.37 -22.19 2.18
CA HIS E 58 -0.99 -22.72 0.87
C HIS E 58 -1.93 -23.84 0.38
N SER E 59 -2.98 -24.13 1.17
CA SER E 59 -3.96 -25.17 0.89
C SER E 59 -4.44 -25.24 -0.57
N GLU E 60 -4.66 -24.07 -1.17
CA GLU E 60 -5.24 -24.01 -2.51
C GLU E 60 -4.18 -24.11 -3.63
N GLN E 61 -2.93 -24.34 -3.25
CA GLN E 61 -1.81 -24.32 -4.21
C GLN E 61 -1.45 -25.71 -4.74
N SER E 62 -1.06 -25.77 -6.01
CA SER E 62 -0.79 -27.05 -6.67
C SER E 62 0.31 -27.82 -5.96
N TYR E 63 1.31 -27.09 -5.47
CA TYR E 63 2.44 -27.70 -4.77
C TYR E 63 2.09 -28.11 -3.34
N PHE E 64 0.85 -27.92 -2.93
CA PHE E 64 0.46 -28.18 -1.55
C PHE E 64 0.63 -29.65 -1.16
N ASN E 65 0.10 -30.55 -1.96
CA ASN E 65 0.25 -31.96 -1.67
C ASN E 65 1.71 -32.37 -1.69
N ASP E 66 2.38 -32.07 -2.79
CA ASP E 66 3.78 -32.41 -2.94
C ASP E 66 4.57 -31.93 -1.71
N LEU E 67 4.27 -30.72 -1.26
CA LEU E 67 4.95 -30.11 -0.13
C LEU E 67 4.71 -30.85 1.19
N CYS E 68 3.46 -31.18 1.47
CA CYS E 68 3.11 -31.90 2.68
C CYS E 68 3.73 -33.30 2.69
N ASP E 69 3.80 -33.92 1.51
CA ASP E 69 4.43 -35.23 1.38
C ASP E 69 5.92 -35.17 1.72
N PHE E 70 6.54 -34.05 1.32
CA PHE E 70 7.96 -33.83 1.63
C PHE E 70 8.15 -33.65 3.12
N MET E 71 7.33 -32.79 3.72
CA MET E 71 7.46 -32.44 5.14
C MET E 71 7.23 -33.59 6.12
N VAL E 72 6.76 -34.73 5.62
CA VAL E 72 6.59 -35.90 6.48
C VAL E 72 7.48 -37.03 5.96
N SER E 73 8.34 -36.71 5.01
CA SER E 73 9.20 -37.73 4.40
C SER E 73 10.31 -38.13 5.36
N GLY E 74 10.56 -37.31 6.37
CA GLY E 74 11.59 -37.62 7.35
C GLY E 74 11.42 -36.75 8.59
N PRO E 75 12.39 -36.80 9.50
CA PRO E 75 12.28 -36.04 10.74
C PRO E 75 12.24 -34.54 10.49
N ILE E 76 11.72 -33.78 11.45
CA ILE E 76 11.88 -32.33 11.47
C ILE E 76 12.07 -31.84 12.90
N ILE E 77 12.67 -30.66 13.03
CA ILE E 77 12.88 -30.04 14.33
C ILE E 77 12.16 -28.71 14.32
N SER E 78 11.42 -28.43 15.40
CA SER E 78 10.75 -27.14 15.54
C SER E 78 11.36 -26.35 16.70
N ILE E 79 11.83 -25.15 16.40
CA ILE E 79 12.56 -24.36 17.37
C ILE E 79 11.97 -22.96 17.49
N VAL E 80 11.69 -22.55 18.72
CA VAL E 80 11.36 -21.16 18.96
C VAL E 80 12.66 -20.47 19.28
N TYR E 81 13.04 -19.49 18.46
CA TYR E 81 14.23 -18.69 18.71
C TYR E 81 13.81 -17.35 19.27
N GLU E 82 14.69 -16.72 20.04
CA GLU E 82 14.36 -15.47 20.70
C GLU E 82 15.51 -14.47 20.60
N GLY E 83 15.21 -13.27 20.15
CA GLY E 83 16.21 -12.23 20.05
C GLY E 83 15.61 -10.95 19.51
N THR E 84 16.40 -9.88 19.53
CA THR E 84 15.97 -8.57 19.02
C THR E 84 15.68 -8.60 17.52
N ASP E 85 14.43 -8.34 17.14
CA ASP E 85 14.01 -8.39 15.74
C ASP E 85 14.19 -9.78 15.17
N ALA E 86 14.16 -10.78 16.04
CA ALA E 86 14.39 -12.15 15.65
C ALA E 86 13.70 -12.49 14.32
N ILE E 87 12.43 -12.09 14.19
CA ILE E 87 11.62 -12.50 13.04
C ILE E 87 12.21 -12.14 11.69
N SER E 88 12.50 -10.85 11.49
CA SER E 88 13.00 -10.42 10.20
C SER E 88 14.42 -10.87 9.99
N LYS E 89 15.22 -10.80 11.05
CA LYS E 89 16.63 -11.13 10.96
C LYS E 89 16.90 -12.59 10.59
N ILE E 90 16.11 -13.50 11.16
CA ILE E 90 16.25 -14.90 10.82
C ILE E 90 15.68 -15.16 9.43
N ARG E 91 14.78 -14.30 8.99
CA ARG E 91 14.33 -14.41 7.62
C ARG E 91 15.39 -14.04 6.59
N ARG E 92 16.28 -13.10 6.91
CA ARG E 92 17.36 -12.75 5.98
C ARG E 92 18.45 -13.83 5.95
N LEU E 93 18.62 -14.53 7.06
CA LEU E 93 19.54 -15.66 7.11
C LEU E 93 19.01 -16.79 6.25
N GLN E 94 17.70 -16.98 6.30
CA GLN E 94 17.05 -18.06 5.58
C GLN E 94 17.38 -17.94 4.10
N GLY E 95 17.12 -16.77 3.54
CA GLY E 95 17.32 -16.54 2.12
C GLY E 95 16.04 -16.74 1.34
N ASN E 96 15.99 -16.17 0.14
CA ASN E 96 14.81 -16.23 -0.72
C ASN E 96 14.42 -17.66 -1.12
N THR E 97 13.12 -17.90 -1.28
CA THR E 97 12.62 -19.23 -1.61
C THR E 97 12.98 -19.66 -3.03
N ASN E 98 12.88 -18.71 -3.96
CA ASN E 98 13.26 -18.91 -5.34
C ASN E 98 14.76 -19.14 -5.44
N PRO E 99 15.18 -20.37 -5.78
CA PRO E 99 16.60 -20.74 -5.86
C PRO E 99 17.38 -19.92 -6.90
N LEU E 100 16.67 -19.18 -7.73
CA LEU E 100 17.30 -18.30 -8.72
C LEU E 100 17.52 -16.89 -8.14
N ALA E 101 17.22 -16.71 -6.86
CA ALA E 101 17.24 -15.37 -6.26
C ALA E 101 17.89 -15.31 -4.88
N SER E 102 18.01 -16.46 -4.22
CA SER E 102 18.54 -16.50 -2.87
C SER E 102 20.03 -16.20 -2.90
N ALA E 103 20.46 -15.19 -2.14
CA ALA E 103 21.82 -14.69 -2.25
C ALA E 103 22.82 -15.53 -1.49
N PRO E 104 24.02 -15.71 -2.07
CA PRO E 104 25.06 -16.48 -1.37
C PRO E 104 25.33 -15.82 -0.04
N GLY E 105 25.59 -16.61 0.99
CA GLY E 105 25.70 -16.08 2.34
C GLY E 105 24.55 -16.54 3.21
N THR E 106 23.39 -16.70 2.60
CA THR E 106 22.23 -17.12 3.37
C THR E 106 22.23 -18.63 3.41
N ILE E 107 21.37 -19.19 4.25
CA ILE E 107 21.27 -20.63 4.37
C ILE E 107 20.90 -21.27 3.03
N ARG E 108 19.80 -20.79 2.44
CA ARG E 108 19.35 -21.35 1.17
C ARG E 108 20.30 -21.02 0.04
N GLY E 109 20.91 -19.84 0.10
CA GLY E 109 21.83 -19.41 -0.93
C GLY E 109 23.09 -20.24 -0.95
N ASP E 110 23.50 -20.75 0.21
CA ASP E 110 24.74 -21.52 0.32
C ASP E 110 24.52 -23.02 0.20
N LEU E 111 23.36 -23.50 0.65
CA LEU E 111 23.17 -24.93 0.85
C LEU E 111 22.00 -25.55 0.07
N ALA E 112 21.00 -24.75 -0.27
CA ALA E 112 19.85 -25.28 -0.98
C ALA E 112 19.95 -25.08 -2.50
N ASN E 113 19.18 -25.87 -3.25
CA ASN E 113 19.29 -25.87 -4.69
C ASN E 113 17.99 -26.35 -5.33
N ASP E 114 16.87 -26.01 -4.70
CA ASP E 114 15.58 -26.55 -5.10
C ASP E 114 14.46 -25.69 -4.54
N ILE E 115 13.37 -25.57 -5.30
CA ILE E 115 12.25 -24.71 -4.93
C ILE E 115 11.50 -25.25 -3.72
N ARG E 116 11.56 -26.56 -3.50
CA ARG E 116 10.78 -27.20 -2.44
C ARG E 116 11.60 -27.67 -1.26
N GLU E 117 12.65 -28.44 -1.53
CA GLU E 117 13.50 -28.94 -0.46
C GLU E 117 14.59 -27.93 -0.15
N ASN E 118 14.27 -26.97 0.71
CA ASN E 118 15.16 -25.86 0.99
C ASN E 118 15.51 -25.74 2.47
N LEU E 119 15.52 -26.89 3.15
CA LEU E 119 16.16 -27.01 4.46
C LEU E 119 15.45 -26.36 5.64
N ILE E 120 14.86 -25.18 5.46
CA ILE E 120 14.37 -24.43 6.60
C ILE E 120 13.12 -23.58 6.37
N HIS E 121 12.27 -23.52 7.39
CA HIS E 121 11.17 -22.55 7.46
C HIS E 121 11.41 -21.56 8.59
N ALA E 122 11.04 -20.30 8.35
CA ALA E 122 11.04 -19.29 9.39
C ALA E 122 9.79 -18.39 9.24
N SER E 123 9.13 -18.09 10.36
CA SER E 123 7.94 -17.24 10.37
C SER E 123 8.25 -15.90 9.72
N ASP E 124 7.33 -15.38 8.90
CA ASP E 124 7.62 -14.17 8.15
C ASP E 124 7.05 -12.90 8.77
N SER E 125 6.15 -13.05 9.73
CA SER E 125 5.54 -11.90 10.38
C SER E 125 5.33 -12.14 11.87
N GLU E 126 5.09 -11.07 12.61
CA GLU E 126 4.69 -11.19 14.02
C GLU E 126 3.44 -12.03 14.18
N ASP E 127 2.57 -12.00 13.19
CA ASP E 127 1.34 -12.78 13.26
C ASP E 127 1.56 -14.24 12.90
N SER E 128 2.42 -14.48 11.90
CA SER E 128 2.83 -15.83 11.55
C SER E 128 3.51 -16.47 12.74
N ALA E 129 4.38 -15.71 13.39
CA ALA E 129 5.12 -16.20 14.54
C ALA E 129 4.17 -16.77 15.60
N VAL E 130 3.18 -15.99 15.99
CA VAL E 130 2.23 -16.42 17.01
C VAL E 130 1.42 -17.65 16.58
N ASP E 131 0.86 -17.59 15.38
CA ASP E 131 0.06 -18.68 14.86
C ASP E 131 0.89 -19.96 14.78
N GLU E 132 2.08 -19.87 14.22
CA GLU E 132 2.96 -21.03 14.03
C GLU E 132 3.51 -21.61 15.33
N ILE E 133 3.80 -20.74 16.30
CA ILE E 133 4.31 -21.19 17.58
C ILE E 133 3.28 -22.01 18.36
N SER E 134 2.02 -21.60 18.30
CA SER E 134 0.96 -22.27 19.03
C SER E 134 0.43 -23.51 18.29
N ILE E 135 1.00 -23.79 17.12
CA ILE E 135 0.71 -25.02 16.39
C ILE E 135 1.66 -26.11 16.85
N TRP E 136 2.92 -25.73 17.04
CA TRP E 136 3.98 -26.66 17.38
C TRP E 136 4.21 -26.74 18.88
N PHE E 137 3.89 -25.67 19.60
CA PHE E 137 4.13 -25.60 21.05
C PHE E 137 2.90 -25.10 21.81
N PRO E 138 1.77 -25.81 21.69
CA PRO E 138 0.53 -25.41 22.37
C PRO E 138 0.66 -25.44 23.90
N LEU F 6 -36.58 15.11 -27.00
CA LEU F 6 -35.38 15.96 -26.99
C LEU F 6 -35.71 17.46 -27.00
N GLN F 7 -35.94 18.02 -25.81
CA GLN F 7 -36.40 19.41 -25.69
C GLN F 7 -35.30 20.46 -25.59
N ARG F 8 -35.72 21.71 -25.56
CA ARG F 8 -34.86 22.81 -25.14
C ARG F 8 -35.56 23.57 -24.00
N THR F 9 -34.77 24.26 -23.18
CA THR F 9 -35.32 25.02 -22.06
C THR F 9 -34.49 26.27 -21.78
N LEU F 10 -35.12 27.30 -21.22
CA LEU F 10 -34.39 28.52 -20.86
C LEU F 10 -34.10 28.60 -19.37
N VAL F 11 -32.87 28.95 -19.04
CA VAL F 11 -32.41 28.98 -17.66
C VAL F 11 -31.72 30.29 -17.39
N LEU F 12 -32.10 30.93 -16.27
CA LEU F 12 -31.46 32.15 -15.83
C LEU F 12 -30.68 31.89 -14.54
N ILE F 13 -29.50 32.50 -14.46
CA ILE F 13 -28.72 32.50 -13.22
C ILE F 13 -28.88 33.87 -12.61
N LYS F 14 -29.61 33.95 -11.49
CA LYS F 14 -29.96 35.23 -10.87
C LYS F 14 -28.80 35.95 -10.17
N PRO F 15 -28.94 37.28 -9.98
CA PRO F 15 -27.88 38.11 -9.41
C PRO F 15 -27.34 37.63 -8.06
N ASP F 16 -28.09 36.79 -7.36
CA ASP F 16 -27.63 36.31 -6.06
C ASP F 16 -26.59 35.21 -6.23
N ALA F 17 -26.65 34.49 -7.34
CA ALA F 17 -25.60 33.53 -7.67
C ALA F 17 -24.28 34.25 -7.82
N PHE F 18 -24.26 35.32 -8.62
CA PHE F 18 -23.06 36.14 -8.79
C PHE F 18 -22.58 36.70 -7.46
N GLU F 19 -23.49 37.31 -6.72
CA GLU F 19 -23.22 37.81 -5.39
C GLU F 19 -22.52 36.73 -4.52
N ARG F 20 -23.03 35.50 -4.59
CA ARG F 20 -22.57 34.41 -3.74
C ARG F 20 -21.53 33.48 -4.36
N SER F 21 -21.02 33.82 -5.53
CA SER F 21 -20.03 32.98 -6.20
C SER F 21 -20.52 31.58 -6.46
N LEU F 22 -21.79 31.44 -6.84
CA LEU F 22 -22.35 30.11 -7.06
C LEU F 22 -22.66 29.80 -8.53
N VAL F 23 -22.15 30.60 -9.46
CA VAL F 23 -22.45 30.40 -10.87
C VAL F 23 -21.99 29.04 -11.41
N ALA F 24 -20.73 28.69 -11.19
CA ALA F 24 -20.21 27.40 -11.65
C ALA F 24 -20.86 26.25 -10.87
N GLU F 25 -21.04 26.43 -9.57
CA GLU F 25 -21.76 25.47 -8.76
C GLU F 25 -23.09 25.10 -9.40
N ILE F 26 -23.85 26.10 -9.82
CA ILE F 26 -25.15 25.87 -10.45
C ILE F 26 -25.02 25.22 -11.82
N MET F 27 -24.24 25.82 -12.71
CA MET F 27 -24.06 25.31 -14.07
C MET F 27 -23.45 23.92 -14.08
N GLY F 28 -22.54 23.66 -13.15
CA GLY F 28 -21.92 22.37 -12.99
C GLY F 28 -22.92 21.25 -12.72
N ARG F 29 -23.92 21.51 -11.89
CA ARG F 29 -24.94 20.50 -11.59
C ARG F 29 -25.70 20.08 -12.84
N ILE F 30 -26.01 21.05 -13.71
CA ILE F 30 -26.71 20.79 -14.97
C ILE F 30 -25.82 20.12 -16.03
N GLU F 31 -24.57 20.58 -16.15
CA GLU F 31 -23.58 19.95 -17.01
C GLU F 31 -23.37 18.49 -16.62
N LYS F 32 -23.28 18.27 -15.31
CA LYS F 32 -23.04 16.96 -14.73
C LYS F 32 -24.14 15.97 -15.10
N LYS F 33 -25.33 16.50 -15.37
CA LYS F 33 -26.50 15.68 -15.72
C LYS F 33 -26.62 15.44 -17.25
N ASN F 34 -25.66 15.97 -17.98
CA ASN F 34 -25.47 15.72 -19.42
C ASN F 34 -26.20 16.68 -20.38
N PHE F 35 -26.92 17.64 -19.83
CA PHE F 35 -27.54 18.66 -20.65
C PHE F 35 -26.50 19.59 -21.26
N LYS F 36 -26.77 20.06 -22.47
CA LYS F 36 -25.78 20.80 -23.24
C LYS F 36 -26.19 22.25 -23.50
N ILE F 37 -25.20 23.13 -23.44
CA ILE F 37 -25.41 24.55 -23.77
C ILE F 37 -25.66 24.72 -25.27
N VAL F 38 -26.83 25.25 -25.63
CA VAL F 38 -27.14 25.56 -27.03
C VAL F 38 -26.77 27.00 -27.37
N SER F 39 -27.05 27.91 -26.44
CA SER F 39 -26.56 29.29 -26.50
C SER F 39 -26.57 29.94 -25.12
N MET F 40 -25.81 31.02 -24.97
CA MET F 40 -25.64 31.62 -23.67
C MET F 40 -25.13 33.06 -23.73
N LYS F 41 -25.92 33.99 -23.21
CA LYS F 41 -25.48 35.38 -23.12
C LYS F 41 -25.30 35.75 -21.65
N PHE F 42 -24.32 36.59 -21.37
CA PHE F 42 -24.12 37.15 -20.04
C PHE F 42 -24.56 38.60 -20.01
N TRP F 43 -25.35 38.96 -19.01
CA TRP F 43 -25.84 40.33 -18.88
C TRP F 43 -25.28 40.99 -17.63
N SER F 44 -24.51 42.06 -17.77
CA SER F 44 -24.01 42.76 -16.59
C SER F 44 -25.18 43.34 -15.82
N LYS F 45 -26.21 43.72 -16.56
CA LYS F 45 -27.46 44.25 -16.02
C LYS F 45 -28.49 44.19 -17.14
N ALA F 46 -29.56 43.42 -16.92
CA ALA F 46 -30.56 43.21 -17.97
C ALA F 46 -31.57 44.35 -18.14
N PRO F 47 -31.80 44.77 -19.38
CA PRO F 47 -32.88 45.71 -19.66
C PRO F 47 -34.09 45.32 -18.82
N ARG F 48 -34.66 46.26 -18.08
CA ARG F 48 -35.78 45.95 -17.20
C ARG F 48 -36.98 45.49 -18.01
N ASN F 49 -37.00 45.85 -19.29
CA ASN F 49 -38.05 45.44 -20.20
C ASN F 49 -38.11 43.92 -20.40
N LEU F 50 -36.95 43.31 -20.65
CA LEU F 50 -36.87 41.86 -20.80
C LEU F 50 -37.34 41.18 -19.53
N ILE F 51 -36.99 41.76 -18.39
CA ILE F 51 -37.35 41.17 -17.11
C ILE F 51 -38.85 41.20 -16.93
N GLU F 52 -39.48 42.35 -17.14
CA GLU F 52 -40.93 42.45 -17.02
C GLU F 52 -41.62 41.58 -18.07
N GLN F 53 -41.01 41.49 -19.25
CA GLN F 53 -41.43 40.54 -20.28
C GLN F 53 -41.38 39.11 -19.75
N HIS F 54 -40.19 38.70 -19.34
CA HIS F 54 -39.94 37.37 -18.81
C HIS F 54 -40.94 37.00 -17.73
N TYR F 55 -41.21 37.94 -16.82
CA TYR F 55 -42.07 37.66 -15.69
C TYR F 55 -43.43 38.31 -15.86
N LYS F 56 -43.82 38.50 -17.12
CA LYS F 56 -45.11 39.10 -17.45
C LYS F 56 -46.30 38.42 -16.78
N GLU F 57 -46.19 37.12 -16.56
CA GLU F 57 -47.29 36.34 -15.98
C GLU F 57 -47.51 36.64 -14.50
N HIS F 58 -46.56 37.33 -13.88
CA HIS F 58 -46.66 37.66 -12.46
C HIS F 58 -46.95 39.15 -12.26
N SER F 59 -47.21 39.84 -13.37
CA SER F 59 -47.36 41.29 -13.39
C SER F 59 -48.39 41.80 -12.40
N GLU F 60 -49.35 40.95 -12.04
CA GLU F 60 -50.39 41.36 -11.09
C GLU F 60 -49.98 41.12 -9.64
N GLN F 61 -49.21 40.07 -9.41
CA GLN F 61 -48.79 39.68 -8.06
C GLN F 61 -48.19 40.82 -7.25
N SER F 62 -48.39 40.78 -5.94
CA SER F 62 -47.83 41.78 -5.04
C SER F 62 -46.31 41.90 -5.18
N TYR F 63 -45.65 40.75 -5.38
CA TYR F 63 -44.19 40.69 -5.45
C TYR F 63 -43.55 41.14 -6.78
N PHE F 64 -44.35 41.29 -7.83
CA PHE F 64 -43.83 41.54 -9.17
C PHE F 64 -42.80 42.67 -9.23
N ASN F 65 -43.07 43.76 -8.52
CA ASN F 65 -42.19 44.92 -8.58
C ASN F 65 -40.86 44.73 -7.86
N ASP F 66 -40.91 44.04 -6.72
CA ASP F 66 -39.71 43.76 -5.94
C ASP F 66 -38.86 42.71 -6.63
N LEU F 67 -39.51 41.70 -7.19
CA LEU F 67 -38.83 40.66 -7.94
C LEU F 67 -38.00 41.22 -9.10
N CYS F 68 -38.55 42.20 -9.82
CA CYS F 68 -37.85 42.79 -10.96
C CYS F 68 -36.70 43.68 -10.53
N ASP F 69 -36.91 44.42 -9.44
CA ASP F 69 -35.86 45.23 -8.86
C ASP F 69 -34.67 44.33 -8.52
N PHE F 70 -34.99 43.14 -8.02
CA PHE F 70 -33.99 42.13 -7.70
C PHE F 70 -33.26 41.65 -8.95
N MET F 71 -34.03 41.31 -9.98
CA MET F 71 -33.47 40.77 -11.22
C MET F 71 -32.57 41.75 -11.97
N VAL F 72 -32.60 43.02 -11.61
CA VAL F 72 -31.70 43.98 -12.21
C VAL F 72 -30.71 44.52 -11.19
N SER F 73 -30.60 43.84 -10.05
CA SER F 73 -29.73 44.28 -8.97
C SER F 73 -28.27 43.88 -9.19
N GLY F 74 -28.08 42.92 -10.10
CA GLY F 74 -26.75 42.42 -10.41
C GLY F 74 -26.78 41.73 -11.76
N PRO F 75 -25.65 41.12 -12.15
CA PRO F 75 -25.58 40.44 -13.45
C PRO F 75 -26.48 39.22 -13.49
N ILE F 76 -26.82 38.78 -14.70
CA ILE F 76 -27.51 37.51 -14.89
C ILE F 76 -26.97 36.82 -16.14
N ILE F 77 -27.10 35.50 -16.19
CA ILE F 77 -26.67 34.72 -17.34
C ILE F 77 -27.86 33.96 -17.88
N SER F 78 -28.11 34.13 -19.18
CA SER F 78 -29.20 33.43 -19.85
C SER F 78 -28.65 32.27 -20.67
N ILE F 79 -29.14 31.06 -20.36
CA ILE F 79 -28.69 29.86 -21.05
C ILE F 79 -29.85 29.05 -21.65
N VAL F 80 -29.64 28.55 -22.85
CA VAL F 80 -30.52 27.52 -23.40
C VAL F 80 -29.85 26.15 -23.26
N TYR F 81 -30.57 25.19 -22.68
CA TYR F 81 -30.03 23.85 -22.49
C TYR F 81 -30.78 22.87 -23.38
N GLU F 82 -30.10 21.80 -23.81
CA GLU F 82 -30.73 20.80 -24.67
C GLU F 82 -30.50 19.40 -24.14
N GLY F 83 -31.45 18.49 -24.39
CA GLY F 83 -31.32 17.12 -23.98
C GLY F 83 -32.68 16.49 -23.82
N THR F 84 -32.73 15.17 -23.71
CA THR F 84 -34.00 14.49 -23.54
C THR F 84 -34.71 15.02 -22.31
N ASP F 85 -35.93 15.54 -22.51
CA ASP F 85 -36.79 15.97 -21.39
C ASP F 85 -36.18 17.05 -20.50
N ALA F 86 -35.42 17.95 -21.12
CA ALA F 86 -34.69 18.97 -20.38
C ALA F 86 -35.60 19.80 -19.47
N ILE F 87 -36.70 20.31 -20.03
CA ILE F 87 -37.58 21.21 -19.30
C ILE F 87 -37.96 20.66 -17.94
N SER F 88 -38.59 19.49 -17.94
CA SER F 88 -39.05 18.89 -16.70
C SER F 88 -37.88 18.42 -15.82
N LYS F 89 -36.78 18.04 -16.45
CA LYS F 89 -35.61 17.51 -15.73
C LYS F 89 -34.78 18.56 -15.00
N ILE F 90 -34.51 19.66 -15.69
CA ILE F 90 -33.86 20.80 -15.06
C ILE F 90 -34.78 21.46 -14.04
N ARG F 91 -36.08 21.19 -14.15
CA ARG F 91 -37.04 21.67 -13.16
C ARG F 91 -36.97 20.93 -11.81
N ARG F 92 -36.67 19.63 -11.83
CA ARG F 92 -36.47 18.89 -10.60
C ARG F 92 -35.06 19.12 -10.01
N LEU F 93 -34.09 19.36 -10.87
CA LEU F 93 -32.80 19.85 -10.42
C LEU F 93 -33.01 21.15 -9.64
N GLN F 94 -33.86 22.00 -10.20
CA GLN F 94 -34.18 23.29 -9.62
C GLN F 94 -34.66 23.15 -8.18
N GLY F 95 -35.76 22.42 -7.99
CA GLY F 95 -36.40 22.33 -6.68
C GLY F 95 -37.45 23.40 -6.46
N ASN F 96 -38.19 23.27 -5.36
CA ASN F 96 -39.31 24.15 -5.03
C ASN F 96 -38.91 25.61 -4.74
N THR F 97 -39.73 26.54 -5.22
CA THR F 97 -39.56 27.98 -4.95
C THR F 97 -39.47 28.23 -3.45
N ASN F 98 -40.41 27.63 -2.73
CA ASN F 98 -40.55 27.76 -1.29
C ASN F 98 -39.46 27.02 -0.53
N PRO F 99 -38.64 27.76 0.23
CA PRO F 99 -37.53 27.16 0.98
C PRO F 99 -37.99 26.22 2.10
N LEU F 100 -39.30 25.97 2.18
CA LEU F 100 -39.84 25.08 3.20
C LEU F 100 -40.23 23.73 2.62
N ALA F 101 -40.09 23.60 1.29
CA ALA F 101 -40.50 22.39 0.59
C ALA F 101 -39.45 21.84 -0.38
N SER F 102 -38.55 22.70 -0.85
CA SER F 102 -37.46 22.29 -1.74
C SER F 102 -36.53 21.27 -1.07
N ALA F 103 -36.26 20.17 -1.76
CA ALA F 103 -35.58 19.04 -1.13
C ALA F 103 -34.06 19.17 -1.15
N PRO F 104 -33.39 18.63 -0.12
CA PRO F 104 -31.93 18.46 -0.26
C PRO F 104 -31.67 17.66 -1.53
N GLY F 105 -30.56 17.95 -2.20
CA GLY F 105 -30.28 17.35 -3.47
C GLY F 105 -30.50 18.32 -4.62
N THR F 106 -31.45 19.22 -4.44
CA THR F 106 -31.76 20.21 -5.48
C THR F 106 -30.99 21.50 -5.28
N ILE F 107 -30.76 22.21 -6.37
CA ILE F 107 -30.07 23.49 -6.32
C ILE F 107 -30.59 24.37 -5.18
N ARG F 108 -31.91 24.57 -5.15
CA ARG F 108 -32.53 25.42 -4.14
C ARG F 108 -32.50 24.78 -2.74
N GLY F 109 -32.77 23.48 -2.67
CA GLY F 109 -32.73 22.77 -1.41
C GLY F 109 -31.36 22.84 -0.75
N ASP F 110 -30.31 22.78 -1.57
CA ASP F 110 -28.95 22.86 -1.08
C ASP F 110 -28.46 24.30 -0.84
N LEU F 111 -28.81 25.19 -1.76
CA LEU F 111 -28.13 26.48 -1.88
C LEU F 111 -28.99 27.71 -1.60
N ALA F 112 -30.31 27.58 -1.72
CA ALA F 112 -31.20 28.72 -1.57
C ALA F 112 -31.91 28.71 -0.21
N ASN F 113 -32.13 29.89 0.34
CA ASN F 113 -32.78 30.00 1.64
C ASN F 113 -33.73 31.20 1.72
N ASP F 114 -34.33 31.56 0.59
CA ASP F 114 -35.17 32.74 0.50
C ASP F 114 -36.23 32.54 -0.58
N ILE F 115 -37.39 33.14 -0.40
CA ILE F 115 -38.50 32.98 -1.35
C ILE F 115 -38.25 33.74 -2.65
N ARG F 116 -37.57 34.87 -2.57
CA ARG F 116 -37.30 35.69 -3.75
C ARG F 116 -35.92 35.40 -4.36
N GLU F 117 -34.89 35.41 -3.52
CA GLU F 117 -33.54 35.18 -4.01
C GLU F 117 -33.20 33.69 -4.02
N ASN F 118 -33.44 33.04 -5.15
CA ASN F 118 -33.33 31.59 -5.22
C ASN F 118 -32.47 31.07 -6.38
N LEU F 119 -31.55 31.92 -6.84
CA LEU F 119 -30.41 31.52 -7.66
C LEU F 119 -30.69 31.22 -9.13
N ILE F 120 -31.82 30.60 -9.43
CA ILE F 120 -32.05 30.10 -10.77
C ILE F 120 -33.51 30.12 -11.24
N HIS F 121 -33.71 30.40 -12.52
CA HIS F 121 -35.00 30.23 -13.18
C HIS F 121 -34.93 29.14 -14.24
N ALA F 122 -36.03 28.40 -14.40
CA ALA F 122 -36.09 27.33 -15.39
C ALA F 122 -37.49 27.23 -16.02
N SER F 123 -37.58 27.28 -17.35
CA SER F 123 -38.86 27.10 -18.04
C SER F 123 -39.68 25.94 -17.47
N ASP F 124 -40.98 26.16 -17.25
CA ASP F 124 -41.81 25.14 -16.62
C ASP F 124 -42.64 24.34 -17.61
N SER F 125 -42.70 24.81 -18.85
CA SER F 125 -43.42 24.10 -19.89
C SER F 125 -42.85 24.39 -21.27
N GLU F 126 -43.37 23.64 -22.26
CA GLU F 126 -42.88 23.70 -23.62
C GLU F 126 -43.01 25.09 -24.21
N ASP F 127 -44.23 25.64 -24.13
CA ASP F 127 -44.51 26.96 -24.66
C ASP F 127 -43.84 28.07 -23.83
N SER F 128 -43.80 27.89 -22.52
CA SER F 128 -42.98 28.72 -21.64
C SER F 128 -41.55 28.79 -22.17
N ALA F 129 -41.03 27.64 -22.60
CA ALA F 129 -39.66 27.53 -23.10
C ALA F 129 -39.40 28.30 -24.40
N VAL F 130 -40.30 28.18 -25.37
CA VAL F 130 -40.12 28.92 -26.62
C VAL F 130 -40.33 30.41 -26.36
N ASP F 131 -41.34 30.67 -25.54
CA ASP F 131 -41.73 32.01 -25.13
C ASP F 131 -40.53 32.79 -24.58
N GLU F 132 -39.85 32.18 -23.62
CA GLU F 132 -38.73 32.82 -22.94
C GLU F 132 -37.46 32.84 -23.78
N ILE F 133 -37.25 31.80 -24.58
CA ILE F 133 -36.09 31.77 -25.47
C ILE F 133 -36.17 32.90 -26.50
N SER F 134 -37.38 33.21 -26.92
CA SER F 134 -37.58 34.31 -27.86
C SER F 134 -37.13 35.63 -27.25
N ILE F 135 -37.48 35.82 -25.98
CA ILE F 135 -37.15 37.02 -25.19
C ILE F 135 -35.64 37.24 -25.08
N TRP F 136 -34.91 36.19 -24.70
CA TRP F 136 -33.49 36.32 -24.42
C TRP F 136 -32.60 36.14 -25.64
N PHE F 137 -33.06 35.33 -26.59
CA PHE F 137 -32.37 35.11 -27.85
C PHE F 137 -33.39 35.24 -28.98
N PRO F 138 -33.54 36.45 -29.53
CA PRO F 138 -34.58 36.75 -30.50
C PRO F 138 -34.18 36.34 -31.92
N1 CTP G . -32.82 -0.89 -19.55
C2 CTP G . -32.63 -0.71 -20.91
N3 CTP G . -33.65 -0.26 -21.71
C4 CTP G . -34.91 -0.05 -21.16
C5 CTP G . -35.12 -0.29 -19.80
C6 CTP G . -34.03 -0.59 -18.98
O2 CTP G . -31.54 -0.97 -21.41
N4 CTP G . -35.90 0.37 -21.94
C1' CTP G . -31.70 -1.40 -18.73
C2' CTP G . -31.21 -0.34 -17.76
O2' CTP G . -29.83 -0.19 -17.99
C3' CTP G . -31.44 -0.93 -16.39
C4' CTP G . -31.48 -2.43 -16.67
O4' CTP G . -32.08 -2.53 -17.95
O3' CTP G . -30.43 -0.61 -15.46
C5' CTP G . -32.24 -3.19 -15.61
O5' CTP G . -33.61 -2.97 -15.77
PA CTP G . -34.44 -2.27 -14.58
O1A CTP G . -34.73 -3.39 -13.61
O2A CTP G . -35.67 -1.59 -15.11
O3A CTP G . -33.43 -1.17 -13.97
PB CTP G . -32.73 -1.26 -12.53
O1B CTP G . -32.86 0.11 -11.91
O2B CTP G . -31.26 -1.61 -12.66
O3B CTP G . -33.56 -2.32 -11.60
PG CTP G . -33.31 -3.91 -11.36
O1G CTP G . -33.16 -4.16 -9.87
O2G CTP G . -32.08 -4.47 -12.08
O3G CTP G . -34.54 -4.67 -11.83
MG MG H . -35.15 14.32 18.57
O3B CDP I . -33.37 12.56 14.35
PB CDP I . -32.97 12.61 15.80
O1B CDP I . -31.50 12.80 16.07
O2B CDP I . -33.83 13.50 16.65
O3A CDP I . -33.31 11.10 16.30
PA CDP I . -34.09 10.73 17.65
O1A CDP I . -34.55 11.98 18.37
O2A CDP I . -35.06 9.61 17.35
O5' CDP I . -32.92 10.02 18.47
C5' CDP I . -32.05 10.80 19.28
C4' CDP I . -30.67 10.24 19.01
O4' CDP I . -30.51 8.97 19.66
C3' CDP I . -30.46 9.97 17.53
O3' CDP I . -29.84 11.11 16.93
C2' CDP I . -29.50 8.79 17.53
O2' CDP I . -28.17 9.32 17.43
C1' CDP I . -29.69 8.11 18.88
N1 CDP I . -30.39 6.83 18.76
C2 CDP I . -29.77 5.59 19.05
O2 CDP I . -28.58 5.56 19.43
N3 CDP I . -30.45 4.43 18.91
C4 CDP I . -31.73 4.45 18.49
N4 CDP I . -32.42 3.29 18.35
C5 CDP I . -32.35 5.65 18.19
C6 CDP I . -31.65 6.84 18.32
MG MG J . 30.78 5.75 10.53
O3B CDP K . 29.13 1.24 10.87
PB CDP K . 29.76 2.22 11.82
O1B CDP K . 30.64 1.57 12.87
O2B CDP K . 30.40 3.42 11.15
O3A CDP K . 28.53 2.85 12.64
PA CDP K . 28.37 4.43 13.00
O1A CDP K . 29.59 5.21 12.58
O2A CDP K . 26.98 4.85 12.54
O5' CDP K . 28.35 4.35 14.59
C5' CDP K . 29.60 4.36 15.28
C4' CDP K . 29.46 3.38 16.43
O4' CDP K . 28.63 3.93 17.44
C3' CDP K . 28.82 2.07 16.00
O3' CDP K . 29.79 1.09 15.62
C2' CDP K . 28.04 1.64 17.22
O2' CDP K . 28.83 0.70 17.94
C1' CDP K . 27.89 2.89 18.08
N1 CDP K . 26.50 3.28 18.20
C2 CDP K . 25.87 3.25 19.47
O2 CDP K . 26.53 2.90 20.47
N3 CDP K . 24.57 3.58 19.61
C4 CDP K . 23.84 3.95 18.53
N4 CDP K . 22.54 4.29 18.69
C5 CDP K . 24.44 3.99 17.27
C6 CDP K . 25.78 3.63 17.12
MG MG L . 32.47 -13.60 -19.01
O3B CDP M . 33.43 -12.87 -14.24
PB CDP M . 34.10 -13.35 -15.51
O1B CDP M . 35.00 -14.55 -15.35
O2B CDP M . 33.15 -13.46 -16.68
O3A CDP M . 35.08 -12.12 -15.93
PA CDP M . 35.17 -11.41 -17.40
O1A CDP M . 34.38 -12.16 -18.44
O2A CDP M . 35.03 -9.91 -17.24
O5' CDP M . 36.73 -11.61 -17.69
C5' CDP M . 37.21 -12.90 -18.05
C4' CDP M . 38.45 -13.06 -17.20
O4' CDP M . 39.47 -12.20 -17.68
C3' CDP M . 38.21 -12.65 -15.74
O3' CDP M . 37.74 -13.76 -14.95
C2' CDP M . 39.58 -12.17 -15.30
O2' CDP M . 40.31 -13.23 -14.68
C1' CDP M . 40.30 -11.80 -16.59
N1 CDP M . 40.49 -10.35 -16.61
C2 CDP M . 41.79 -9.82 -16.60
O2 CDP M . 42.77 -10.60 -16.61
N3 CDP M . 41.97 -8.48 -16.61
C4 CDP M . 40.90 -7.64 -16.61
N4 CDP M . 41.08 -6.29 -16.60
C5 CDP M . 39.61 -8.16 -16.60
C6 CDP M . 39.44 -9.53 -16.60
MG MG N . 5.87 -17.75 3.40
O3B CDP O . 10.42 -18.76 1.63
PB CDP O . 9.24 -19.51 2.18
O1B CDP O . 9.64 -20.76 2.95
O2B CDP O . 8.17 -18.71 2.92
O3A CDP O . 8.50 -20.02 0.82
PA CDP O . 6.94 -19.83 0.40
O1A CDP O . 6.14 -19.14 1.48
O2A CDP O . 6.92 -19.30 -1.03
O5' CDP O . 6.49 -21.35 0.25
C5' CDP O . 6.20 -22.18 1.37
C4' CDP O . 6.96 -23.47 1.10
O4' CDP O . 6.35 -24.21 0.04
C3' CDP O . 8.38 -23.21 0.66
O3' CDP O . 9.24 -23.16 1.79
C2' CDP O . 8.71 -24.39 -0.23
O2' CDP O . 9.36 -25.40 0.54
C1' CDP O . 7.36 -24.93 -0.67
N1 CDP O . 7.16 -24.68 -2.11
C2 CDP O . 7.06 -25.78 -2.99
O2 CDP O . 7.12 -26.94 -2.53
N3 CDP O . 6.90 -25.57 -4.32
C4 CDP O . 6.83 -24.31 -4.80
N4 CDP O . 6.68 -24.10 -6.13
C5 CDP O . 6.94 -23.22 -3.94
C6 CDP O . 7.12 -23.43 -2.58
MG MG P . -43.12 29.04 -12.53
O3B CDP Q . -40.32 27.90 -9.21
PB CDP Q . -40.47 29.25 -9.88
O1B CDP Q . -39.20 30.04 -10.01
O2B CDP Q . -41.27 29.28 -11.17
O3A CDP Q . -41.39 30.09 -8.84
PA CDP Q . -42.70 30.96 -9.23
O1A CDP Q . -42.97 30.98 -10.72
O2A CDP Q . -43.78 30.48 -8.28
O5' CDP Q . -42.19 32.40 -8.75
C5' CDP Q . -41.60 33.28 -9.70
C4' CDP Q . -40.40 33.99 -9.06
O4' CDP Q . -40.79 35.17 -8.34
C3' CDP Q . -39.63 33.10 -8.09
O3' CDP Q . -38.58 32.41 -8.78
C2' CDP Q . -39.06 34.10 -7.09
O2' CDP Q . -37.75 34.50 -7.53
C1' CDP Q . -40.01 35.29 -7.15
N1 CDP Q . -40.93 35.33 -6.01
C2 CDP Q . -40.96 36.43 -5.13
O2 CDP Q . -40.18 37.40 -5.32
N3 CDP Q . -41.82 36.46 -4.08
C4 CDP Q . -42.66 35.42 -3.87
N4 CDP Q . -43.51 35.42 -2.84
C5 CDP Q . -42.64 34.33 -4.74
C6 CDP Q . -41.75 34.30 -5.80
#